data_3MAE
#
_entry.id   3MAE
#
_cell.length_a   110.221
_cell.length_b   173.008
_cell.length_c   131.061
_cell.angle_alpha   90.00
_cell.angle_beta   90.00
_cell.angle_gamma   90.00
#
_symmetry.space_group_name_H-M   'C 2 2 21'
#
loop_
_entity.id
_entity.type
_entity.pdbx_description
1 polymer '2-oxoisovalerate dehydrogenase E2 component, dihydrolipoamide acetyltransferase'
2 non-polymer 'CHLORIDE ION'
3 non-polymer 'PHOSPHATE ION'
4 non-polymer GLYCEROL
5 water water
#
_entity_poly.entity_id   1
_entity_poly.type   'polypeptide(L)'
_entity_poly.pdbx_seq_one_letter_code
;MSLKAAMPTPPVRSAAGDKEIPINGVRKAIAKHMSVSKQEIPHAWMMVEVDATGLVRYRNAVKDSFKKEEGYSLTYFAFF
IKAVAQALKEFPQLNSTWAGDKIIEHANINISIAIAAGDLLYVPVIKNADEKSIKGIAREISELAGKARNGKLSQADMEG
GTFTVNSTGSFGSVQSMGIINHPQAAILQVESIVKRPVIIDDMIAVRDMVNLCLSIDHRILDGLLAGKFLQAIKANVEKI
SKENTALYEGHHHHHH
;
_entity_poly.pdbx_strand_id   A,B,C
#
# COMPACT_ATOMS: atom_id res chain seq x y z
N ALA A 15 15.72 19.32 -23.94
CA ALA A 15 15.08 20.31 -23.02
C ALA A 15 14.73 21.62 -23.75
N ALA A 16 13.75 21.55 -24.65
CA ALA A 16 13.37 22.68 -25.53
C ALA A 16 12.63 23.80 -24.80
N GLY A 17 11.33 23.58 -24.56
CA GLY A 17 10.52 24.53 -23.81
C GLY A 17 10.39 24.14 -22.35
N ASP A 18 11.35 23.35 -21.87
CA ASP A 18 11.35 22.82 -20.50
C ASP A 18 11.68 23.88 -19.46
N LYS A 19 11.16 23.68 -18.25
CA LYS A 19 11.39 24.58 -17.13
C LYS A 19 12.39 23.98 -16.16
N GLU A 20 13.33 24.80 -15.69
CA GLU A 20 14.30 24.35 -14.71
C GLU A 20 14.09 25.07 -13.38
N ILE A 21 13.94 24.28 -12.32
CA ILE A 21 13.76 24.83 -10.99
C ILE A 21 14.98 24.45 -10.16
N PRO A 22 15.76 25.44 -9.72
CA PRO A 22 16.96 25.16 -8.93
C PRO A 22 16.62 24.66 -7.53
N ILE A 23 17.50 23.84 -6.95
CA ILE A 23 17.28 23.30 -5.63
C ILE A 23 18.22 23.95 -4.61
N ASN A 24 17.65 24.79 -3.75
CA ASN A 24 18.38 25.45 -2.68
C ASN A 24 18.78 24.48 -1.57
N GLY A 25 19.58 24.95 -0.62
CA GLY A 25 20.09 24.14 0.48
C GLY A 25 19.04 23.49 1.37
N VAL A 26 17.91 24.16 1.57
CA VAL A 26 16.83 23.65 2.43
C VAL A 26 16.06 22.53 1.73
N ARG A 27 15.64 22.79 0.50
CA ARG A 27 14.93 21.82 -0.34
C ARG A 27 15.78 20.57 -0.63
N LYS A 28 17.09 20.77 -0.76
CA LYS A 28 18.03 19.67 -0.97
C LYS A 28 18.22 18.81 0.30
N ALA A 29 18.09 19.45 1.45
CA ALA A 29 18.22 18.77 2.74
C ALA A 29 17.06 17.81 3.02
N ILE A 30 15.84 18.29 2.73
CA ILE A 30 14.61 17.49 2.80
C ILE A 30 14.71 16.24 1.91
N ALA A 31 15.15 16.46 0.67
CA ALA A 31 15.30 15.39 -0.32
C ALA A 31 16.36 14.36 0.08
N LYS A 32 17.46 14.83 0.67
CA LYS A 32 18.51 13.93 1.14
C LYS A 32 18.00 13.10 2.33
N HIS A 33 17.21 13.75 3.18
CA HIS A 33 16.61 13.10 4.34
C HIS A 33 15.63 12.00 3.94
N MET A 34 14.82 12.27 2.90
CA MET A 34 13.92 11.27 2.32
C MET A 34 14.68 10.06 1.77
N SER A 35 15.78 10.32 1.05
CA SER A 35 16.65 9.28 0.47
C SER A 35 17.31 8.40 1.51
N VAL A 36 17.88 9.03 2.54
CA VAL A 36 18.57 8.34 3.64
C VAL A 36 17.61 7.41 4.39
N SER A 37 16.41 7.93 4.66
CA SER A 37 15.36 7.18 5.35
CA SER A 37 15.38 7.17 5.35
C SER A 37 15.01 5.88 4.62
N LYS A 38 14.75 5.98 3.32
CA LYS A 38 14.39 4.82 2.52
C LYS A 38 15.53 3.80 2.39
N GLN A 39 16.77 4.28 2.39
CA GLN A 39 17.94 3.41 2.31
C GLN A 39 18.22 2.73 3.65
N GLU A 40 18.16 3.48 4.73
CA GLU A 40 18.50 2.96 6.06
C GLU A 40 17.41 2.09 6.66
N ILE A 41 16.16 2.43 6.38
CA ILE A 41 15.01 1.77 7.01
C ILE A 41 14.28 0.86 6.04
N PRO A 42 14.20 -0.45 6.37
CA PRO A 42 13.35 -1.34 5.59
C PRO A 42 11.89 -1.16 5.99
N HIS A 43 11.13 -0.50 5.12
CA HIS A 43 9.74 -0.14 5.40
C HIS A 43 8.80 -1.32 5.17
N ALA A 44 7.90 -1.53 6.12
CA ALA A 44 6.70 -2.34 5.90
C ALA A 44 5.49 -1.47 6.23
N TRP A 45 4.31 -1.88 5.82
CA TRP A 45 3.13 -1.01 5.90
C TRP A 45 1.87 -1.74 6.36
N MET A 46 1.01 -1.05 7.11
CA MET A 46 -0.19 -1.66 7.67
C MET A 46 -1.32 -0.63 7.75
N MET A 47 -2.55 -1.09 7.60
CA MET A 47 -3.71 -0.20 7.59
C MET A 47 -4.91 -0.81 8.32
N VAL A 48 -5.59 0.01 9.12
CA VAL A 48 -6.88 -0.34 9.71
C VAL A 48 -7.94 0.74 9.42
N GLU A 49 -9.21 0.33 9.38
CA GLU A 49 -10.32 1.26 9.20
C GLU A 49 -10.88 1.59 10.59
N VAL A 50 -11.16 2.86 10.84
CA VAL A 50 -11.79 3.25 12.11
C VAL A 50 -13.04 4.12 11.92
N ASP A 51 -14.02 3.88 12.80
CA ASP A 51 -15.27 4.61 12.82
C ASP A 51 -15.07 5.96 13.53
N ALA A 52 -15.04 7.03 12.74
CA ALA A 52 -14.80 8.37 13.28
C ALA A 52 -16.08 9.20 13.43
N THR A 53 -17.22 8.53 13.41
CA THR A 53 -18.54 9.18 13.52
C THR A 53 -18.69 9.97 14.84
N GLY A 54 -18.35 9.33 15.95
CA GLY A 54 -18.40 9.96 17.26
C GLY A 54 -17.53 11.19 17.35
N LEU A 55 -16.31 11.09 16.80
CA LEU A 55 -15.38 12.21 16.70
C LEU A 55 -15.95 13.34 15.84
N VAL A 56 -16.47 13.00 14.66
CA VAL A 56 -17.04 13.99 13.73
C VAL A 56 -18.20 14.74 14.36
N ARG A 57 -19.11 14.00 14.99
CA ARG A 57 -20.27 14.58 15.67
C ARG A 57 -19.89 15.49 16.83
N TYR A 58 -18.93 15.06 17.64
CA TYR A 58 -18.47 15.84 18.79
C TYR A 58 -17.76 17.12 18.35
N ARG A 59 -16.85 17.01 17.38
CA ARG A 59 -16.12 18.17 16.85
C ARG A 59 -17.07 19.21 16.28
N ASN A 60 -18.03 18.76 15.48
CA ASN A 60 -18.97 19.67 14.81
C ASN A 60 -19.94 20.36 15.77
N ALA A 61 -20.33 19.67 16.83
CA ALA A 61 -21.22 20.20 17.87
C ALA A 61 -20.55 21.29 18.71
N VAL A 62 -19.22 21.26 18.80
CA VAL A 62 -18.50 22.09 19.75
C VAL A 62 -17.54 23.11 19.09
N LYS A 63 -17.34 23.00 17.78
CA LYS A 63 -16.36 23.84 17.07
C LYS A 63 -16.59 25.35 17.07
N ASP A 64 -17.85 25.76 16.94
CA ASP A 64 -18.17 27.19 16.80
C ASP A 64 -18.01 27.96 18.10
N SER A 65 -18.46 27.38 19.21
CA SER A 65 -18.29 28.00 20.52
C SER A 65 -16.82 27.94 20.96
N PHE A 66 -16.08 26.98 20.42
CA PHE A 66 -14.63 26.88 20.64
C PHE A 66 -13.88 28.06 20.00
N LYS A 67 -14.10 28.29 18.70
CA LYS A 67 -13.42 29.36 17.95
C LYS A 67 -13.76 30.75 18.49
N LYS A 68 -15.00 30.93 18.91
CA LYS A 68 -15.46 32.16 19.55
C LYS A 68 -14.74 32.42 20.87
N GLU A 69 -14.64 31.40 21.71
CA GLU A 69 -14.01 31.55 23.03
C GLU A 69 -12.48 31.60 22.96
N GLU A 70 -11.88 30.75 22.14
CA GLU A 70 -10.42 30.60 22.15
C GLU A 70 -9.68 31.48 21.16
N GLY A 71 -10.28 31.73 19.99
CA GLY A 71 -9.64 32.55 18.97
C GLY A 71 -8.99 31.75 17.85
N TYR A 72 -8.75 30.47 18.11
CA TYR A 72 -8.22 29.54 17.12
C TYR A 72 -9.21 28.38 16.94
N SER A 73 -9.17 27.73 15.78
CA SER A 73 -10.14 26.68 15.47
C SER A 73 -9.75 25.31 16.02
N LEU A 74 -10.76 24.47 16.25
CA LEU A 74 -10.57 23.07 16.61
C LEU A 74 -10.80 22.21 15.38
N THR A 75 -9.80 21.42 15.03
CA THR A 75 -9.88 20.56 13.85
C THR A 75 -10.02 19.10 14.30
N TYR A 76 -10.30 18.21 13.34
CA TYR A 76 -10.31 16.76 13.59
C TYR A 76 -8.94 16.27 14.02
N PHE A 77 -7.91 16.87 13.43
CA PHE A 77 -6.52 16.48 13.62
C PHE A 77 -6.05 16.48 15.07
N ALA A 78 -6.50 17.46 15.85
CA ALA A 78 -6.19 17.58 17.27
C ALA A 78 -6.60 16.34 18.08
N PHE A 79 -7.75 15.77 17.73
CA PHE A 79 -8.28 14.57 18.38
C PHE A 79 -7.43 13.34 18.02
N PHE A 80 -6.95 13.31 16.77
CA PHE A 80 -6.14 12.19 16.30
C PHE A 80 -4.74 12.19 16.91
N ILE A 81 -4.15 13.37 17.07
CA ILE A 81 -2.88 13.52 17.78
C ILE A 81 -3.01 12.97 19.20
N LYS A 82 -4.07 13.38 19.89
CA LYS A 82 -4.33 12.93 21.25
C LYS A 82 -4.48 11.42 21.36
N ALA A 83 -5.26 10.84 20.44
CA ALA A 83 -5.45 9.38 20.38
C ALA A 83 -4.13 8.60 20.16
N VAL A 84 -3.29 9.10 19.26
CA VAL A 84 -1.96 8.52 18.99
C VAL A 84 -1.02 8.64 20.20
N ALA A 85 -0.98 9.82 20.80
CA ALA A 85 -0.15 10.10 21.97
C ALA A 85 -0.49 9.20 23.16
N GLN A 86 -1.79 8.97 23.39
CA GLN A 86 -2.25 8.09 24.46
C GLN A 86 -1.85 6.64 24.20
N ALA A 87 -1.97 6.21 22.95
CA ALA A 87 -1.56 4.86 22.55
C ALA A 87 -0.05 4.63 22.68
N LEU A 88 0.74 5.69 22.43
CA LEU A 88 2.20 5.61 22.56
C LEU A 88 2.66 5.40 24.01
N LYS A 89 1.85 5.82 24.98
CA LYS A 89 2.08 5.49 26.40
C LYS A 89 2.08 3.99 26.65
N GLU A 90 1.15 3.27 26.00
CA GLU A 90 1.04 1.83 26.14
C GLU A 90 2.06 1.08 25.29
N PHE A 91 2.55 1.73 24.24
CA PHE A 91 3.45 1.04 23.29
C PHE A 91 4.74 1.82 23.02
N PRO A 92 5.67 1.84 24.01
CA PRO A 92 6.89 2.62 23.87
C PRO A 92 7.82 2.11 22.76
N GLN A 93 7.59 0.87 22.32
CA GLN A 93 8.36 0.24 21.26
C GLN A 93 8.19 0.96 19.92
N LEU A 94 7.06 1.64 19.75
CA LEU A 94 6.77 2.46 18.56
C LEU A 94 7.41 3.82 18.69
N ASN A 95 7.64 4.23 19.94
CA ASN A 95 8.26 5.51 20.24
C ASN A 95 9.78 5.32 20.38
N SER A 96 10.40 4.82 19.32
CA SER A 96 11.77 4.33 19.41
C SER A 96 12.67 4.62 18.20
N THR A 97 13.94 4.21 18.33
CA THR A 97 14.99 4.46 17.35
C THR A 97 15.94 3.25 17.26
N TRP A 98 16.27 2.85 16.03
CA TRP A 98 17.32 1.86 15.78
C TRP A 98 18.70 2.49 15.97
N ALA A 99 19.53 1.87 16.80
CA ALA A 99 20.88 2.36 17.05
C ALA A 99 21.94 1.25 17.03
N GLY A 100 22.01 0.53 15.91
CA GLY A 100 23.04 -0.48 15.68
C GLY A 100 22.91 -1.75 16.48
N ASP A 101 23.36 -1.71 17.74
CA ASP A 101 23.31 -2.87 18.64
C ASP A 101 22.26 -2.69 19.74
N LYS A 102 21.61 -1.53 19.72
CA LYS A 102 20.57 -1.21 20.70
C LYS A 102 19.34 -0.55 20.06
N ILE A 103 18.19 -0.78 20.68
CA ILE A 103 16.99 0.00 20.37
C ILE A 103 16.80 1.01 21.51
N ILE A 104 16.62 2.27 21.15
CA ILE A 104 16.40 3.32 22.15
C ILE A 104 14.93 3.71 22.21
N GLU A 105 14.30 3.39 23.34
CA GLU A 105 12.93 3.83 23.62
C GLU A 105 12.97 5.20 24.29
N HIS A 106 12.21 6.14 23.75
CA HIS A 106 12.25 7.51 24.23
C HIS A 106 11.21 7.78 25.30
N ALA A 107 11.63 8.50 26.34
CA ALA A 107 10.79 8.85 27.47
C ALA A 107 9.77 9.94 27.13
N ASN A 108 10.08 10.75 26.13
CA ASN A 108 9.19 11.79 25.68
C ASN A 108 8.37 11.37 24.45
N ILE A 109 7.07 11.65 24.48
CA ILE A 109 6.22 11.46 23.33
C ILE A 109 6.13 12.79 22.58
N ASN A 110 7.07 13.00 21.68
CA ASN A 110 7.10 14.23 20.91
C ASN A 110 6.69 13.99 19.46
N ILE A 111 5.48 14.45 19.13
CA ILE A 111 4.89 14.16 17.84
C ILE A 111 5.23 15.21 16.77
N SER A 112 6.01 14.78 15.78
CA SER A 112 6.24 15.55 14.56
C SER A 112 4.97 15.54 13.73
N ILE A 113 4.53 16.71 13.29
CA ILE A 113 3.38 16.78 12.39
C ILE A 113 3.77 17.52 11.12
N ALA A 114 3.17 17.14 10.00
CA ALA A 114 3.40 17.85 8.75
C ALA A 114 2.44 19.02 8.63
N ILE A 115 2.98 20.23 8.60
CA ILE A 115 2.23 21.43 8.25
C ILE A 115 2.91 22.07 7.05
N ALA A 116 2.59 21.58 5.87
CA ALA A 116 3.10 22.15 4.63
C ALA A 116 2.33 23.44 4.33
N ALA A 117 3.04 24.57 4.33
CA ALA A 117 2.43 25.86 4.03
C ALA A 117 3.02 26.43 2.75
N GLY A 118 2.17 26.57 1.73
CA GLY A 118 2.59 27.05 0.43
C GLY A 118 3.39 26.04 -0.36
N ASP A 119 4.64 26.40 -0.66
CA ASP A 119 5.50 25.67 -1.61
C ASP A 119 6.00 24.32 -1.09
N LEU A 120 6.65 24.33 0.08
CA LEU A 120 7.28 23.12 0.60
C LEU A 120 6.65 22.54 1.88
N LEU A 121 7.34 21.55 2.45
CA LEU A 121 6.85 20.76 3.57
C LEU A 121 7.57 21.12 4.87
N TYR A 122 6.82 21.54 5.88
CA TYR A 122 7.38 21.78 7.21
C TYR A 122 6.92 20.71 8.20
N VAL A 123 7.88 20.15 8.96
CA VAL A 123 7.57 19.15 9.98
C VAL A 123 7.95 19.61 11.41
N PRO A 124 7.13 20.48 12.04
CA PRO A 124 7.44 20.84 13.43
C PRO A 124 6.97 19.78 14.43
N VAL A 125 7.36 19.94 15.68
CA VAL A 125 7.16 18.92 16.71
C VAL A 125 6.32 19.42 17.88
N ILE A 126 5.19 18.75 18.14
CA ILE A 126 4.45 18.97 19.37
C ILE A 126 5.11 18.13 20.48
N LYS A 127 5.78 18.82 21.40
CA LYS A 127 6.49 18.17 22.49
C LYS A 127 5.54 17.70 23.58
N ASN A 128 5.87 16.56 24.20
CA ASN A 128 5.07 15.95 25.26
C ASN A 128 3.56 16.00 25.04
N ALA A 129 3.15 15.51 23.87
CA ALA A 129 1.77 15.62 23.39
C ALA A 129 0.80 14.83 24.25
N ASP A 130 1.30 13.78 24.91
CA ASP A 130 0.51 13.00 25.88
C ASP A 130 0.07 13.80 27.12
N GLU A 131 0.77 14.88 27.41
CA GLU A 131 0.52 15.68 28.62
C GLU A 131 -0.30 16.93 28.31
N LYS A 132 -0.62 17.12 27.04
CA LYS A 132 -1.46 18.23 26.61
C LYS A 132 -2.90 17.78 26.41
N SER A 133 -3.84 18.68 26.64
CA SER A 133 -5.24 18.43 26.35
C SER A 133 -5.49 18.61 24.86
N ILE A 134 -6.67 18.19 24.40
CA ILE A 134 -7.10 18.42 23.01
C ILE A 134 -7.07 19.92 22.68
N LYS A 135 -7.54 20.75 23.61
CA LYS A 135 -7.47 22.20 23.48
C LYS A 135 -6.01 22.67 23.31
N GLY A 136 -5.13 22.19 24.19
CA GLY A 136 -3.70 22.49 24.13
C GLY A 136 -3.04 22.12 22.81
N ILE A 137 -3.39 20.92 22.31
CA ILE A 137 -2.88 20.43 21.03
C ILE A 137 -3.40 21.26 19.86
N ALA A 138 -4.69 21.60 19.89
CA ALA A 138 -5.29 22.48 18.87
C ALA A 138 -4.60 23.85 18.84
N ARG A 139 -4.34 24.39 20.03
CA ARG A 139 -3.61 25.66 20.19
C ARG A 139 -2.22 25.61 19.56
N GLU A 140 -1.50 24.53 19.86
CA GLU A 140 -0.14 24.34 19.38
C GLU A 140 -0.08 24.16 17.86
N ILE A 141 -1.06 23.48 17.28
CA ILE A 141 -1.16 23.32 15.83
C ILE A 141 -1.35 24.69 15.18
N SER A 142 -2.26 25.48 15.75
CA SER A 142 -2.51 26.84 15.27
C SER A 142 -1.25 27.72 15.33
N GLU A 143 -0.54 27.68 16.46
CA GLU A 143 0.71 28.43 16.64
C GLU A 143 1.79 28.00 15.66
N LEU A 144 1.98 26.70 15.51
CA LEU A 144 3.01 26.17 14.61
C LEU A 144 2.71 26.42 13.13
N ALA A 145 1.44 26.36 12.76
CA ALA A 145 1.00 26.70 11.40
C ALA A 145 1.24 28.19 11.11
N GLY A 146 0.95 29.03 12.11
CA GLY A 146 1.21 30.47 12.04
C GLY A 146 2.69 30.82 11.95
N LYS A 147 3.52 30.04 12.63
CA LYS A 147 4.97 30.25 12.58
C LYS A 147 5.56 29.78 11.27
N ALA A 148 4.97 28.74 10.68
CA ALA A 148 5.40 28.23 9.38
C ALA A 148 5.04 29.20 8.25
N ARG A 149 3.87 29.81 8.37
CA ARG A 149 3.36 30.79 7.41
C ARG A 149 4.16 32.09 7.46
N ASN A 150 4.66 32.43 8.64
CA ASN A 150 5.43 33.66 8.84
C ASN A 150 6.94 33.48 8.88
N GLY A 151 7.43 32.28 8.58
CA GLY A 151 8.87 31.96 8.58
C GLY A 151 9.53 32.13 9.94
N LYS A 152 8.79 31.82 11.00
CA LYS A 152 9.20 32.11 12.37
C LYS A 152 9.45 30.84 13.20
N LEU A 153 9.58 29.69 12.54
CA LEU A 153 9.83 28.43 13.22
C LEU A 153 11.26 28.35 13.74
N SER A 154 11.41 28.20 15.04
CA SER A 154 12.74 28.07 15.65
C SER A 154 13.32 26.69 15.41
N GLN A 155 14.60 26.52 15.74
CA GLN A 155 15.29 25.24 15.59
C GLN A 155 14.76 24.21 16.58
N ALA A 156 14.43 24.68 17.79
CA ALA A 156 13.79 23.88 18.83
C ALA A 156 12.46 23.28 18.37
N ASP A 157 11.68 24.05 17.61
CA ASP A 157 10.43 23.59 17.00
C ASP A 157 10.58 22.41 16.02
N MET A 158 11.75 22.31 15.38
CA MET A 158 12.03 21.26 14.39
C MET A 158 12.69 20.03 15.02
N GLU A 159 13.17 20.16 16.25
CA GLU A 159 13.94 19.10 16.90
C GLU A 159 13.13 18.25 17.87
N GLY A 160 13.58 17.01 18.07
CA GLY A 160 13.16 16.19 19.19
C GLY A 160 12.01 15.23 18.95
N GLY A 161 11.58 15.12 17.69
CA GLY A 161 10.47 14.25 17.30
C GLY A 161 10.76 12.77 17.50
N THR A 162 9.76 12.04 18.01
CA THR A 162 9.93 10.62 18.31
C THR A 162 8.93 9.75 17.51
N PHE A 163 7.89 10.40 17.00
CA PHE A 163 6.86 9.78 16.16
C PHE A 163 6.34 10.85 15.21
N THR A 164 5.92 10.45 14.01
CA THR A 164 5.31 11.39 13.08
C THR A 164 3.89 11.00 12.71
N VAL A 165 2.99 12.00 12.72
CA VAL A 165 1.64 11.86 12.22
C VAL A 165 1.42 12.86 11.08
N ASN A 166 0.88 12.37 9.96
CA ASN A 166 0.63 13.21 8.80
C ASN A 166 -0.86 13.24 8.49
N SER A 167 -1.40 14.44 8.31
CA SER A 167 -2.79 14.62 7.92
C SER A 167 -2.96 14.63 6.40
N THR A 168 -2.86 13.46 5.78
CA THR A 168 -2.95 13.34 4.33
C THR A 168 -4.38 13.50 3.82
N GLY A 169 -5.35 13.35 4.72
CA GLY A 169 -6.77 13.60 4.42
C GLY A 169 -7.06 14.99 3.89
N SER A 170 -6.27 15.97 4.34
CA SER A 170 -6.35 17.35 3.86
C SER A 170 -6.06 17.49 2.36
N PHE A 171 -5.39 16.50 1.79
CA PHE A 171 -5.11 16.49 0.36
C PHE A 171 -6.08 15.57 -0.38
N GLY A 172 -7.04 15.01 0.37
CA GLY A 172 -8.06 14.12 -0.19
C GLY A 172 -7.60 12.68 -0.41
N SER A 173 -6.53 12.28 0.28
CA SER A 173 -6.02 10.92 0.22
C SER A 173 -6.92 9.93 0.98
N VAL A 174 -7.17 8.78 0.37
CA VAL A 174 -8.00 7.74 0.97
C VAL A 174 -7.12 6.65 1.60
N GLN A 175 -6.00 6.37 0.95
CA GLN A 175 -4.95 5.52 1.51
C GLN A 175 -3.62 6.10 1.11
N SER A 176 -2.61 5.86 1.93
CA SER A 176 -1.30 6.47 1.72
C SER A 176 -0.19 5.62 2.33
N MET A 177 0.99 5.66 1.72
CA MET A 177 2.18 5.10 2.36
C MET A 177 3.27 6.15 2.49
N GLY A 178 3.60 6.50 3.74
CA GLY A 178 4.57 7.55 4.01
C GLY A 178 5.96 7.04 4.28
N ILE A 179 6.94 7.91 4.03
CA ILE A 179 8.33 7.65 4.35
C ILE A 179 8.56 8.04 5.81
N ILE A 180 9.17 7.14 6.57
CA ILE A 180 9.45 7.36 7.99
C ILE A 180 10.47 8.48 8.19
N ASN A 181 10.17 9.37 9.14
CA ASN A 181 11.08 10.45 9.53
C ASN A 181 12.28 9.90 10.35
N HIS A 182 13.29 9.40 9.63
CA HIS A 182 14.52 8.85 10.23
C HIS A 182 15.18 9.84 11.21
N PRO A 183 15.59 9.38 12.41
CA PRO A 183 15.68 8.01 12.90
C PRO A 183 14.50 7.50 13.75
N GLN A 184 13.28 7.90 13.43
CA GLN A 184 12.11 7.36 14.13
C GLN A 184 11.78 5.96 13.63
N ALA A 185 10.92 5.26 14.36
CA ALA A 185 10.53 3.89 14.06
C ALA A 185 9.32 3.78 13.13
N ALA A 186 8.47 4.81 13.12
CA ALA A 186 7.17 4.71 12.48
C ALA A 186 6.54 6.06 12.11
N ILE A 187 5.73 6.06 11.05
CA ILE A 187 4.93 7.23 10.67
C ILE A 187 3.47 6.79 10.48
N LEU A 188 2.54 7.57 11.02
CA LEU A 188 1.12 7.32 10.85
C LEU A 188 0.48 8.34 9.96
N GLN A 189 -0.23 7.87 8.94
CA GLN A 189 -0.92 8.77 8.03
C GLN A 189 -2.41 8.67 8.29
N VAL A 190 -3.03 9.80 8.61
CA VAL A 190 -4.48 9.87 8.83
C VAL A 190 -5.14 10.37 7.55
N GLU A 191 -5.97 9.52 6.96
CA GLU A 191 -6.56 9.77 5.65
C GLU A 191 -7.87 10.53 5.73
N SER A 192 -8.59 10.59 4.61
CA SER A 192 -9.87 11.29 4.53
C SER A 192 -10.96 10.57 5.29
N ILE A 193 -11.84 11.37 5.90
CA ILE A 193 -13.06 10.85 6.48
C ILE A 193 -14.13 10.82 5.38
N VAL A 194 -14.58 9.61 5.04
CA VAL A 194 -15.58 9.38 4.00
C VAL A 194 -16.80 8.73 4.63
N LYS A 195 -18.00 9.18 4.26
CA LYS A 195 -19.23 8.45 4.61
C LYS A 195 -19.30 7.17 3.79
N ARG A 196 -19.55 6.06 4.46
CA ARG A 196 -19.52 4.74 3.81
C ARG A 196 -20.67 3.86 4.28
N PRO A 197 -21.21 3.01 3.38
CA PRO A 197 -22.13 2.00 3.86
C PRO A 197 -21.34 0.90 4.57
N VAL A 198 -21.75 0.58 5.79
CA VAL A 198 -20.98 -0.24 6.70
C VAL A 198 -21.89 -1.27 7.37
N ILE A 199 -21.34 -2.38 7.83
CA ILE A 199 -22.17 -3.36 8.53
C ILE A 199 -21.98 -3.37 10.04
N ILE A 200 -23.09 -3.16 10.75
CA ILE A 200 -23.13 -3.19 12.21
C ILE A 200 -24.27 -4.10 12.63
N ASP A 201 -23.92 -5.17 13.37
CA ASP A 201 -24.86 -6.22 13.80
C ASP A 201 -25.82 -6.69 12.71
N ASP A 202 -25.24 -7.05 11.56
CA ASP A 202 -25.96 -7.49 10.36
C ASP A 202 -26.95 -6.48 9.74
N MET A 203 -26.78 -5.20 10.06
CA MET A 203 -27.58 -4.13 9.48
C MET A 203 -26.66 -3.21 8.70
N ILE A 204 -27.18 -2.54 7.68
CA ILE A 204 -26.40 -1.58 6.92
C ILE A 204 -26.53 -0.20 7.58
N ALA A 205 -25.40 0.34 8.02
CA ALA A 205 -25.37 1.67 8.59
C ALA A 205 -24.54 2.59 7.70
N VAL A 206 -24.71 3.90 7.87
CA VAL A 206 -23.85 4.89 7.23
C VAL A 206 -22.94 5.48 8.30
N ARG A 207 -21.63 5.29 8.14
CA ARG A 207 -20.66 5.76 9.11
C ARG A 207 -19.57 6.60 8.48
N ASP A 208 -18.97 7.47 9.29
CA ASP A 208 -17.81 8.27 8.91
C ASP A 208 -16.54 7.46 9.12
N MET A 209 -16.01 6.88 8.04
CA MET A 209 -14.88 5.98 8.15
C MET A 209 -13.57 6.65 7.76
N VAL A 210 -12.52 6.38 8.52
CA VAL A 210 -11.18 6.87 8.21
C VAL A 210 -10.15 5.73 8.28
N ASN A 211 -9.29 5.67 7.27
CA ASN A 211 -8.16 4.73 7.26
C ASN A 211 -6.97 5.32 8.00
N LEU A 212 -6.36 4.51 8.86
CA LEU A 212 -5.08 4.88 9.45
C LEU A 212 -3.99 4.01 8.84
N CYS A 213 -3.07 4.65 8.14
CA CYS A 213 -2.02 3.95 7.42
C CYS A 213 -0.67 4.15 8.10
N LEU A 214 -0.06 3.03 8.49
CA LEU A 214 1.16 3.04 9.30
C LEU A 214 2.35 2.39 8.58
N SER A 215 3.43 3.15 8.41
CA SER A 215 4.70 2.59 7.95
C SER A 215 5.59 2.33 9.15
N ILE A 216 6.25 1.17 9.18
CA ILE A 216 7.13 0.82 10.29
C ILE A 216 8.54 0.41 9.85
N ASP A 217 9.50 0.65 10.74
CA ASP A 217 10.84 0.08 10.64
C ASP A 217 10.77 -1.38 11.08
N HIS A 218 10.94 -2.29 10.11
CA HIS A 218 10.82 -3.72 10.37
C HIS A 218 12.00 -4.32 11.13
N ARG A 219 13.06 -3.54 11.34
CA ARG A 219 14.15 -3.94 12.23
C ARG A 219 13.71 -3.87 13.68
N ILE A 220 12.79 -2.96 13.98
CA ILE A 220 12.30 -2.73 15.34
C ILE A 220 10.97 -3.45 15.58
N LEU A 221 10.05 -3.32 14.63
CA LEU A 221 8.67 -3.72 14.82
C LEU A 221 8.20 -4.76 13.81
N ASP A 222 7.28 -5.61 14.25
CA ASP A 222 6.57 -6.51 13.34
C ASP A 222 5.07 -6.19 13.35
N GLY A 223 4.31 -6.92 12.54
CA GLY A 223 2.86 -6.74 12.44
C GLY A 223 2.08 -6.92 13.74
N LEU A 224 2.51 -7.83 14.59
CA LEU A 224 1.84 -8.06 15.87
C LEU A 224 1.83 -6.82 16.77
N LEU A 225 3.00 -6.21 16.95
CA LEU A 225 3.11 -4.97 17.73
C LEU A 225 2.43 -3.80 17.04
N ALA A 226 2.62 -3.69 15.73
CA ALA A 226 2.01 -2.65 14.92
C ALA A 226 0.48 -2.72 14.96
N GLY A 227 -0.05 -3.94 14.87
CA GLY A 227 -1.49 -4.19 14.96
C GLY A 227 -2.12 -3.82 16.29
N LYS A 228 -1.44 -4.17 17.38
CA LYS A 228 -1.91 -3.83 18.73
C LYS A 228 -1.95 -2.32 18.94
N PHE A 229 -0.93 -1.65 18.41
CA PHE A 229 -0.82 -0.21 18.44
C PHE A 229 -1.98 0.46 17.67
N LEU A 230 -2.23 -0.02 16.45
CA LEU A 230 -3.32 0.48 15.64
C LEU A 230 -4.69 0.20 16.27
N GLN A 231 -4.82 -0.94 16.94
CA GLN A 231 -6.05 -1.26 17.70
C GLN A 231 -6.28 -0.32 18.86
N ALA A 232 -5.20 0.04 19.55
CA ALA A 232 -5.27 1.02 20.64
C ALA A 232 -5.71 2.40 20.16
N ILE A 233 -5.17 2.86 19.03
CA ILE A 233 -5.60 4.13 18.42
C ILE A 233 -7.06 4.04 17.95
N LYS A 234 -7.42 2.91 17.34
CA LYS A 234 -8.79 2.65 16.88
CA LYS A 234 -8.78 2.65 16.89
C LYS A 234 -9.77 2.77 18.04
N ALA A 235 -9.49 2.08 19.14
CA ALA A 235 -10.33 2.09 20.34
C ALA A 235 -10.43 3.49 20.97
N ASN A 236 -9.33 4.24 20.94
CA ASN A 236 -9.31 5.63 21.42
C ASN A 236 -10.22 6.55 20.61
N VAL A 237 -10.18 6.41 19.28
CA VAL A 237 -10.98 7.24 18.38
C VAL A 237 -12.45 6.86 18.46
N GLU A 238 -12.73 5.55 18.46
CA GLU A 238 -14.11 5.05 18.46
C GLU A 238 -14.88 5.23 19.78
N LYS A 239 -14.17 5.62 20.85
CA LYS A 239 -14.81 5.89 22.13
C LYS A 239 -15.11 7.36 22.36
N ILE A 240 -14.61 8.21 21.47
CA ILE A 240 -14.90 9.65 21.50
C ILE A 240 -16.38 9.87 21.28
N SER A 241 -17.07 10.41 22.28
CA SER A 241 -18.49 10.71 22.18
C SER A 241 -18.86 12.00 22.92
N LYS A 242 -20.15 12.31 22.92
CA LYS A 242 -20.70 13.56 23.44
C LYS A 242 -20.54 13.72 24.97
N GLU A 243 -20.34 12.60 25.67
CA GLU A 243 -20.21 12.59 27.13
C GLU A 243 -18.87 12.05 27.63
N ASN A 244 -18.13 11.40 26.74
CA ASN A 244 -16.89 10.71 27.11
C ASN A 244 -15.68 11.63 27.30
N THR A 245 -15.24 12.27 26.22
CA THR A 245 -13.98 13.03 26.23
C THR A 245 -14.17 14.52 26.54
N ALA A 246 -13.28 15.05 27.38
CA ALA A 246 -13.25 16.47 27.70
C ALA A 246 -12.10 17.17 26.95
N LEU A 247 -12.36 18.38 26.48
CA LEU A 247 -11.38 19.15 25.70
C LEU A 247 -10.26 19.75 26.55
N TYR A 248 -10.52 19.94 27.85
CA TYR A 248 -9.65 20.73 28.72
C TYR A 248 -8.90 19.88 29.74
N THR B 9 24.87 -15.54 -1.31
CA THR B 9 25.39 -16.16 -0.04
C THR B 9 24.42 -17.09 0.74
N PRO B 10 23.09 -16.82 0.69
CA PRO B 10 22.18 -17.89 1.12
C PRO B 10 22.00 -18.94 0.01
N PRO B 11 21.51 -20.16 0.34
CA PRO B 11 21.25 -21.16 -0.70
C PRO B 11 20.14 -20.73 -1.67
N VAL B 12 20.35 -20.96 -2.96
CA VAL B 12 19.39 -20.56 -3.98
C VAL B 12 18.60 -21.75 -4.54
N ARG B 13 19.02 -22.96 -4.17
CA ARG B 13 18.37 -24.18 -4.64
C ARG B 13 17.83 -24.99 -3.47
N SER B 14 16.73 -25.69 -3.69
CA SER B 14 16.12 -26.55 -2.66
C SER B 14 15.78 -27.97 -3.16
N ALA B 15 16.14 -28.27 -4.41
CA ALA B 15 16.08 -29.63 -4.97
C ALA B 15 17.01 -29.78 -6.18
N ALA B 16 17.46 -31.00 -6.42
CA ALA B 16 18.17 -31.36 -7.65
C ALA B 16 17.33 -31.09 -8.90
N GLY B 17 16.02 -31.29 -8.78
CA GLY B 17 15.10 -31.07 -9.89
C GLY B 17 14.58 -29.64 -10.04
N ASP B 18 15.21 -28.68 -9.36
CA ASP B 18 14.90 -27.27 -9.56
C ASP B 18 15.33 -26.86 -10.97
N LYS B 19 14.47 -26.10 -11.66
CA LYS B 19 14.69 -25.71 -13.03
C LYS B 19 15.34 -24.33 -13.11
N GLU B 20 16.44 -24.24 -13.86
CA GLU B 20 17.13 -22.97 -14.08
C GLU B 20 16.75 -22.38 -15.42
N ILE B 21 16.22 -21.16 -15.40
CA ILE B 21 15.80 -20.47 -16.61
C ILE B 21 16.72 -19.28 -16.85
N PRO B 22 17.51 -19.32 -17.95
CA PRO B 22 18.46 -18.27 -18.27
C PRO B 22 17.76 -16.97 -18.67
N ILE B 23 18.38 -15.85 -18.31
CA ILE B 23 17.79 -14.54 -18.59
C ILE B 23 18.50 -13.86 -19.75
N ASN B 24 17.72 -13.64 -20.81
CA ASN B 24 18.16 -12.90 -21.99
C ASN B 24 18.38 -11.43 -21.68
N GLY B 25 19.19 -10.77 -22.50
CA GLY B 25 19.55 -9.36 -22.33
C GLY B 25 18.41 -8.37 -22.17
N VAL B 26 17.29 -8.63 -22.86
CA VAL B 26 16.09 -7.77 -22.80
C VAL B 26 15.42 -7.80 -21.43
N ARG B 27 15.12 -9.00 -20.93
CA ARG B 27 14.55 -9.19 -19.59
C ARG B 27 15.52 -8.77 -18.48
N LYS B 28 16.81 -8.98 -18.72
CA LYS B 28 17.88 -8.57 -17.80
C LYS B 28 18.00 -7.05 -17.71
N ALA B 29 17.68 -6.36 -18.80
CA ALA B 29 17.71 -4.90 -18.85
C ALA B 29 16.54 -4.30 -18.06
N ILE B 30 15.34 -4.84 -18.30
CA ILE B 30 14.13 -4.49 -17.54
C ILE B 30 14.35 -4.67 -16.04
N ALA B 31 14.92 -5.81 -15.66
CA ALA B 31 15.21 -6.13 -14.26
C ALA B 31 16.23 -5.19 -13.63
N LYS B 32 17.23 -4.77 -14.40
CA LYS B 32 18.25 -3.82 -13.93
C LYS B 32 17.66 -2.42 -13.80
N HIS B 33 16.71 -2.10 -14.68
CA HIS B 33 16.00 -0.84 -14.62
C HIS B 33 15.14 -0.74 -13.35
N MET B 34 14.42 -1.80 -13.03
CA MET B 34 13.59 -1.86 -11.81
C MET B 34 14.44 -1.64 -10.55
N SER B 35 15.60 -2.29 -10.49
CA SER B 35 16.54 -2.15 -9.38
C SER B 35 17.14 -0.75 -9.25
N VAL B 36 17.55 -0.17 -10.38
CA VAL B 36 18.11 1.19 -10.40
C VAL B 36 17.07 2.19 -9.90
N SER B 37 15.84 2.08 -10.41
CA SER B 37 14.74 2.95 -10.02
CA SER B 37 14.72 2.94 -10.02
C SER B 37 14.47 2.92 -8.51
N LYS B 38 14.41 1.72 -7.93
CA LYS B 38 14.15 1.57 -6.50
C LYS B 38 15.28 2.08 -5.62
N GLN B 39 16.52 1.90 -6.07
CA GLN B 39 17.68 2.39 -5.33
C GLN B 39 17.80 3.91 -5.37
N GLU B 40 17.53 4.48 -6.54
CA GLU B 40 17.71 5.92 -6.77
C GLU B 40 16.56 6.78 -6.25
N ILE B 41 15.35 6.22 -6.27
CA ILE B 41 14.15 6.99 -5.94
C ILE B 41 13.50 6.54 -4.63
N PRO B 42 13.34 7.48 -3.66
CA PRO B 42 12.51 7.18 -2.48
C PRO B 42 11.01 7.29 -2.79
N HIS B 43 10.37 6.14 -2.96
CA HIS B 43 8.96 6.05 -3.31
C HIS B 43 8.07 6.33 -2.10
N ALA B 44 7.02 7.11 -2.33
CA ALA B 44 5.92 7.24 -1.39
C ALA B 44 4.66 7.04 -2.23
N TRP B 45 3.52 6.80 -1.58
CA TRP B 45 2.36 6.30 -2.30
C TRP B 45 1.04 6.92 -1.84
N MET B 46 0.16 7.19 -2.81
CA MET B 46 -1.14 7.83 -2.57
C MET B 46 -2.24 7.19 -3.42
N MET B 47 -3.46 7.20 -2.91
CA MET B 47 -4.59 6.58 -3.57
C MET B 47 -5.88 7.37 -3.38
N VAL B 48 -6.64 7.56 -4.45
CA VAL B 48 -8.01 8.12 -4.38
C VAL B 48 -9.03 7.19 -5.05
N GLU B 49 -10.27 7.25 -4.56
CA GLU B 49 -11.41 6.55 -5.16
C GLU B 49 -12.05 7.48 -6.18
N VAL B 50 -12.42 6.93 -7.34
CA VAL B 50 -12.98 7.73 -8.43
C VAL B 50 -14.25 7.10 -8.98
N ASP B 51 -15.33 7.88 -9.05
CA ASP B 51 -16.59 7.43 -9.65
C ASP B 51 -16.48 7.45 -11.18
N ALA B 52 -16.34 6.27 -11.77
CA ALA B 52 -16.16 6.15 -13.22
C ALA B 52 -17.45 5.75 -13.97
N THR B 53 -18.59 5.91 -13.30
CA THR B 53 -19.89 5.51 -13.85
C THR B 53 -20.23 6.23 -15.15
N GLY B 54 -20.01 7.54 -15.19
CA GLY B 54 -20.20 8.33 -16.39
C GLY B 54 -19.34 7.86 -17.55
N LEU B 55 -18.08 7.56 -17.25
CA LEU B 55 -17.15 7.02 -18.20
C LEU B 55 -17.52 5.65 -18.72
N VAL B 56 -18.00 4.78 -17.87
CA VAL B 56 -18.47 3.45 -18.25
C VAL B 56 -19.69 3.54 -19.17
N ARG B 57 -20.67 4.34 -18.76
CA ARG B 57 -21.92 4.51 -19.51
C ARG B 57 -21.68 5.14 -20.88
N TYR B 58 -20.87 6.20 -20.92
CA TYR B 58 -20.55 6.86 -22.18
C TYR B 58 -19.77 5.96 -23.15
N ARG B 59 -18.82 5.19 -22.62
CA ARG B 59 -18.01 4.30 -23.44
C ARG B 59 -18.86 3.18 -24.04
N ASN B 60 -19.71 2.58 -23.22
CA ASN B 60 -20.57 1.48 -23.66
C ASN B 60 -21.68 1.92 -24.63
N ALA B 61 -22.05 3.19 -24.57
CA ALA B 61 -23.00 3.78 -25.51
C ALA B 61 -22.40 3.95 -26.91
N VAL B 62 -21.08 4.17 -26.98
CA VAL B 62 -20.43 4.52 -28.25
C VAL B 62 -19.48 3.47 -28.84
N LYS B 63 -19.14 2.44 -28.05
CA LYS B 63 -18.11 1.46 -28.43
C LYS B 63 -18.42 0.63 -29.67
N ASP B 64 -19.70 0.34 -29.89
CA ASP B 64 -20.13 -0.50 -31.00
C ASP B 64 -19.99 0.19 -32.36
N SER B 65 -20.52 1.41 -32.47
CA SER B 65 -20.41 2.18 -33.70
C SER B 65 -18.99 2.72 -33.97
N PHE B 66 -18.19 2.81 -32.91
CA PHE B 66 -16.78 3.22 -33.01
C PHE B 66 -15.96 2.16 -33.75
N LYS B 67 -16.12 0.90 -33.35
CA LYS B 67 -15.38 -0.21 -33.95
C LYS B 67 -15.78 -0.43 -35.42
N LYS B 68 -17.07 -0.19 -35.71
CA LYS B 68 -17.61 -0.22 -37.08
C LYS B 68 -16.96 0.82 -37.98
N GLU B 69 -16.87 2.05 -37.49
CA GLU B 69 -16.34 3.17 -38.28
C GLU B 69 -14.81 3.20 -38.37
N GLU B 70 -14.14 3.02 -37.23
CA GLU B 70 -12.70 3.22 -37.13
C GLU B 70 -11.89 1.96 -37.42
N GLY B 71 -12.45 0.79 -37.12
CA GLY B 71 -11.76 -0.49 -37.34
C GLY B 71 -11.01 -1.01 -36.13
N TYR B 72 -10.94 -0.18 -35.09
CA TYR B 72 -10.30 -0.55 -33.82
C TYR B 72 -11.24 -0.24 -32.65
N SER B 73 -11.13 -0.99 -31.57
CA SER B 73 -12.02 -0.81 -30.42
C SER B 73 -11.59 0.34 -29.51
N LEU B 74 -12.58 0.97 -28.89
CA LEU B 74 -12.37 2.00 -27.88
C LEU B 74 -12.49 1.37 -26.49
N THR B 75 -11.40 1.44 -25.72
CA THR B 75 -11.39 0.90 -24.37
C THR B 75 -11.59 2.01 -23.34
N TYR B 76 -11.80 1.63 -22.08
CA TYR B 76 -11.89 2.57 -20.96
C TYR B 76 -10.59 3.35 -20.79
N PHE B 77 -9.48 2.67 -21.08
CA PHE B 77 -8.14 3.19 -20.86
C PHE B 77 -7.84 4.49 -21.58
N ALA B 78 -8.36 4.62 -22.81
CA ALA B 78 -8.16 5.82 -23.64
C ALA B 78 -8.64 7.10 -22.95
N PHE B 79 -9.78 7.00 -22.26
CA PHE B 79 -10.35 8.10 -21.50
C PHE B 79 -9.45 8.51 -20.33
N PHE B 80 -8.90 7.51 -19.63
CA PHE B 80 -8.01 7.73 -18.50
C PHE B 80 -6.71 8.43 -18.93
N ILE B 81 -6.14 7.99 -20.03
CA ILE B 81 -4.93 8.62 -20.61
C ILE B 81 -5.17 10.09 -20.90
N LYS B 82 -6.32 10.40 -21.50
CA LYS B 82 -6.73 11.77 -21.76
C LYS B 82 -6.91 12.59 -20.47
N ALA B 83 -7.56 12.00 -19.48
CA ALA B 83 -7.77 12.66 -18.18
C ALA B 83 -6.45 12.96 -17.45
N VAL B 84 -5.50 12.02 -17.54
CA VAL B 84 -4.18 12.17 -16.94
C VAL B 84 -3.36 13.26 -17.65
N ALA B 85 -3.36 13.19 -18.98
CA ALA B 85 -2.63 14.15 -19.82
C ALA B 85 -3.02 15.61 -19.56
N GLN B 86 -4.33 15.86 -19.44
CA GLN B 86 -4.83 17.20 -19.10
C GLN B 86 -4.37 17.64 -17.72
N ALA B 87 -4.38 16.71 -16.76
CA ALA B 87 -3.96 17.00 -15.39
C ALA B 87 -2.46 17.24 -15.28
N LEU B 88 -1.69 16.61 -16.16
CA LEU B 88 -0.25 16.87 -16.28
C LEU B 88 0.04 18.27 -16.82
N LYS B 89 -0.85 18.77 -17.69
CA LYS B 89 -0.79 20.15 -18.18
C LYS B 89 -1.14 21.14 -17.06
N GLU B 90 -2.03 20.74 -16.15
CA GLU B 90 -2.35 21.53 -14.96
C GLU B 90 -1.20 21.51 -13.95
N PHE B 91 -0.58 20.34 -13.78
CA PHE B 91 0.49 20.17 -12.80
C PHE B 91 1.78 19.62 -13.43
N PRO B 92 2.58 20.50 -14.06
CA PRO B 92 3.82 20.07 -14.74
C PRO B 92 4.90 19.53 -13.78
N GLN B 93 4.77 19.83 -12.49
CA GLN B 93 5.65 19.29 -11.45
C GLN B 93 5.66 17.76 -11.43
N LEU B 94 4.56 17.14 -11.85
CA LEU B 94 4.45 15.70 -11.93
C LEU B 94 5.13 15.17 -13.19
N ASN B 95 5.27 16.04 -14.18
CA ASN B 95 5.85 15.68 -15.47
C ASN B 95 7.32 16.06 -15.50
N SER B 96 8.09 15.48 -14.57
CA SER B 96 9.41 16.01 -14.25
C SER B 96 10.50 14.98 -13.98
N THR B 97 11.70 15.48 -13.70
CA THR B 97 12.92 14.70 -13.57
C THR B 97 13.81 15.37 -12.53
N TRP B 98 14.35 14.58 -11.61
CA TRP B 98 15.35 15.04 -10.65
C TRP B 98 16.71 15.09 -11.32
N ALA B 99 17.44 16.18 -11.11
CA ALA B 99 18.78 16.33 -11.70
C ALA B 99 19.84 16.83 -10.70
N GLY B 100 19.61 16.54 -9.41
CA GLY B 100 20.56 16.88 -8.34
C GLY B 100 20.68 18.36 -8.04
N ASP B 101 21.12 19.11 -9.04
CA ASP B 101 21.27 20.55 -8.99
C ASP B 101 19.89 21.21 -9.12
N LYS B 102 19.11 20.72 -10.09
CA LYS B 102 17.81 21.29 -10.42
C LYS B 102 16.74 20.23 -10.64
N ILE B 103 15.50 20.67 -10.78
CA ILE B 103 14.40 19.82 -11.23
C ILE B 103 14.00 20.30 -12.63
N ILE B 104 13.93 19.38 -13.58
CA ILE B 104 13.48 19.73 -14.93
C ILE B 104 12.02 19.31 -15.14
N GLU B 105 11.15 20.28 -15.35
CA GLU B 105 9.77 20.02 -15.75
C GLU B 105 9.69 20.01 -17.27
N HIS B 106 9.15 18.93 -17.82
CA HIS B 106 9.10 18.76 -19.26
C HIS B 106 7.85 19.39 -19.87
N ALA B 107 8.04 20.11 -20.97
CA ALA B 107 6.95 20.75 -21.69
C ALA B 107 6.10 19.71 -22.41
N ASN B 108 6.76 18.67 -22.92
CA ASN B 108 6.08 17.58 -23.61
C ASN B 108 5.47 16.58 -22.63
N ILE B 109 4.18 16.32 -22.83
CA ILE B 109 3.47 15.33 -22.05
C ILE B 109 3.45 14.02 -22.86
N ASN B 110 4.47 13.21 -22.64
CA ASN B 110 4.61 11.92 -23.29
C ASN B 110 4.37 10.79 -22.29
N ILE B 111 3.27 10.07 -22.48
CA ILE B 111 2.86 9.05 -21.53
C ILE B 111 3.28 7.64 -21.95
N SER B 112 4.18 7.07 -21.15
CA SER B 112 4.55 5.67 -21.25
C SER B 112 3.37 4.83 -20.76
N ILE B 113 2.99 3.82 -21.55
CA ILE B 113 1.95 2.90 -21.12
C ILE B 113 2.48 1.48 -21.06
N ALA B 114 2.10 0.76 -20.02
CA ALA B 114 2.59 -0.60 -19.83
C ALA B 114 1.75 -1.58 -20.63
N ILE B 115 2.41 -2.29 -21.53
CA ILE B 115 1.80 -3.41 -22.26
C ILE B 115 2.66 -4.66 -22.02
N ALA B 116 2.06 -5.64 -21.36
CA ALA B 116 2.74 -6.89 -21.04
C ALA B 116 2.29 -8.05 -21.93
N ALA B 117 3.24 -8.90 -22.32
CA ALA B 117 2.93 -10.10 -23.08
C ALA B 117 3.54 -11.30 -22.38
N GLY B 118 2.70 -12.08 -21.69
CA GLY B 118 3.14 -13.24 -20.92
C GLY B 118 4.02 -12.87 -19.74
N ASP B 119 5.32 -13.14 -19.88
CA ASP B 119 6.31 -12.86 -18.85
C ASP B 119 7.01 -11.52 -19.09
N LEU B 120 7.31 -11.22 -20.35
CA LEU B 120 8.00 -9.98 -20.72
C LEU B 120 7.10 -8.73 -20.79
N LEU B 121 7.68 -7.59 -20.43
CA LEU B 121 6.93 -6.36 -20.19
C LEU B 121 7.49 -5.18 -20.99
N TYR B 122 6.65 -4.61 -21.87
CA TYR B 122 7.05 -3.46 -22.70
C TYR B 122 6.41 -2.16 -22.23
N VAL B 123 7.11 -1.05 -22.43
CA VAL B 123 6.55 0.27 -22.10
C VAL B 123 6.64 1.29 -23.24
N PRO B 124 5.77 1.17 -24.28
CA PRO B 124 5.77 2.17 -25.36
C PRO B 124 5.19 3.52 -24.93
N VAL B 125 5.56 4.57 -25.66
CA VAL B 125 5.25 5.94 -25.29
C VAL B 125 4.25 6.58 -26.27
N ILE B 126 3.23 7.24 -25.73
CA ILE B 126 2.34 8.07 -26.54
C ILE B 126 2.79 9.53 -26.40
N LYS B 127 3.45 10.03 -27.45
CA LYS B 127 3.96 11.40 -27.51
C LYS B 127 2.84 12.43 -27.56
N ASN B 128 3.01 13.52 -26.82
CA ASN B 128 2.08 14.66 -26.82
C ASN B 128 0.61 14.28 -26.69
N ALA B 129 0.32 13.48 -25.65
CA ALA B 129 -1.00 12.89 -25.41
C ALA B 129 -2.07 13.93 -25.03
N ASP B 130 -1.63 15.08 -24.52
CA ASP B 130 -2.53 16.20 -24.23
C ASP B 130 -3.14 16.83 -25.48
N GLU B 131 -2.42 16.71 -26.60
CA GLU B 131 -2.85 17.29 -27.89
C GLU B 131 -3.68 16.32 -28.72
N LYS B 132 -3.59 15.03 -28.40
CA LYS B 132 -4.37 13.99 -29.08
C LYS B 132 -5.79 13.96 -28.52
N SER B 133 -6.75 13.54 -29.34
CA SER B 133 -8.11 13.31 -28.90
C SER B 133 -8.19 11.90 -28.32
N ILE B 134 -9.31 11.57 -27.69
CA ILE B 134 -9.57 10.23 -27.17
C ILE B 134 -9.52 9.19 -28.29
N LYS B 135 -10.09 9.55 -29.44
CA LYS B 135 -10.02 8.76 -30.68
C LYS B 135 -8.58 8.46 -31.11
N GLY B 136 -7.75 9.52 -31.18
CA GLY B 136 -6.33 9.39 -31.53
C GLY B 136 -5.54 8.54 -30.56
N ILE B 137 -5.82 8.70 -29.27
CA ILE B 137 -5.20 7.91 -28.20
C ILE B 137 -5.57 6.42 -28.33
N ALA B 138 -6.86 6.14 -28.54
CA ALA B 138 -7.36 4.78 -28.78
C ALA B 138 -6.68 4.08 -29.98
N ARG B 139 -6.48 4.84 -31.07
CA ARG B 139 -5.79 4.38 -32.28
C ARG B 139 -4.35 3.94 -31.97
N GLU B 140 -3.65 4.78 -31.22
CA GLU B 140 -2.26 4.51 -30.86
C GLU B 140 -2.13 3.36 -29.86
N ILE B 141 -3.13 3.18 -28.99
CA ILE B 141 -3.16 2.04 -28.06
C ILE B 141 -3.22 0.72 -28.83
N SER B 142 -4.19 0.59 -29.74
CA SER B 142 -4.37 -0.62 -30.54
C SER B 142 -3.21 -0.88 -31.49
N GLU B 143 -2.60 0.19 -32.02
CA GLU B 143 -1.39 0.09 -32.83
C GLU B 143 -0.20 -0.46 -32.05
N LEU B 144 0.06 0.12 -30.88
CA LEU B 144 1.20 -0.27 -30.05
C LEU B 144 1.04 -1.64 -29.40
N ALA B 145 -0.19 -2.00 -29.02
CA ALA B 145 -0.50 -3.31 -28.46
C ALA B 145 -0.45 -4.40 -29.52
N GLY B 146 -0.80 -4.03 -30.75
CA GLY B 146 -0.70 -4.91 -31.91
C GLY B 146 0.74 -5.25 -32.22
N LYS B 147 1.60 -4.23 -32.18
CA LYS B 147 3.03 -4.40 -32.43
C LYS B 147 3.77 -5.06 -31.26
N ALA B 148 3.19 -5.00 -30.07
CA ALA B 148 3.77 -5.63 -28.88
C ALA B 148 3.61 -7.15 -28.89
N ARG B 149 2.47 -7.63 -29.39
CA ARG B 149 2.22 -9.06 -29.54
C ARG B 149 3.01 -9.62 -30.72
N ASN B 150 3.12 -8.82 -31.78
CA ASN B 150 3.88 -9.19 -32.98
C ASN B 150 5.39 -9.15 -32.76
N GLY B 151 5.83 -8.32 -31.80
CA GLY B 151 7.25 -8.15 -31.50
C GLY B 151 7.94 -7.13 -32.40
N LYS B 152 7.14 -6.46 -33.23
CA LYS B 152 7.64 -5.46 -34.18
C LYS B 152 7.58 -4.06 -33.55
N LEU B 153 8.10 -3.96 -32.33
CA LEU B 153 8.06 -2.73 -31.55
C LEU B 153 9.43 -2.06 -31.59
N SER B 154 9.49 -0.88 -32.20
CA SER B 154 10.76 -0.16 -32.40
C SER B 154 11.26 0.54 -31.14
N GLN B 155 12.52 1.00 -31.20
CA GLN B 155 13.18 1.68 -30.08
C GLN B 155 12.64 3.10 -29.90
N ALA B 156 12.24 3.74 -31.01
CA ALA B 156 11.69 5.09 -31.01
C ALA B 156 10.36 5.17 -30.26
N ASP B 157 9.60 4.08 -30.28
CA ASP B 157 8.36 3.96 -29.53
C ASP B 157 8.59 3.83 -28.03
N MET B 158 9.73 3.26 -27.66
CA MET B 158 10.08 3.03 -26.24
C MET B 158 10.66 4.26 -25.55
N GLU B 159 11.03 5.28 -26.33
CA GLU B 159 11.80 6.42 -25.81
C GLU B 159 11.00 7.72 -25.68
N GLY B 160 11.45 8.58 -24.77
CA GLY B 160 10.92 9.94 -24.62
C GLY B 160 9.83 10.12 -23.58
N GLY B 161 9.60 9.10 -22.76
CA GLY B 161 8.52 9.09 -21.77
C GLY B 161 8.77 10.02 -20.61
N THR B 162 7.74 10.76 -20.22
CA THR B 162 7.85 11.74 -19.13
C THR B 162 6.96 11.38 -17.94
N PHE B 163 6.00 10.48 -18.17
CA PHE B 163 5.08 10.00 -17.14
C PHE B 163 4.64 8.59 -17.54
N THR B 164 4.36 7.74 -16.55
CA THR B 164 3.92 6.38 -16.85
C THR B 164 2.54 6.10 -16.26
N VAL B 165 1.67 5.53 -17.09
CA VAL B 165 0.37 5.01 -16.65
C VAL B 165 0.32 3.49 -16.91
N ASN B 166 -0.07 2.73 -15.89
CA ASN B 166 -0.21 1.28 -15.99
C ASN B 166 -1.67 0.87 -15.79
N SER B 167 -2.17 0.05 -16.70
CA SER B 167 -3.55 -0.45 -16.62
C SER B 167 -3.60 -1.77 -15.85
N THR B 168 -3.36 -1.69 -14.53
CA THR B 168 -3.34 -2.88 -13.68
C THR B 168 -4.73 -3.53 -13.49
N GLY B 169 -5.77 -2.82 -13.90
CA GLY B 169 -7.15 -3.32 -13.87
C GLY B 169 -7.41 -4.47 -14.83
N SER B 170 -6.59 -4.56 -15.87
CA SER B 170 -6.62 -5.67 -16.82
C SER B 170 -6.23 -7.01 -16.16
N PHE B 171 -5.48 -6.94 -15.06
CA PHE B 171 -5.05 -8.15 -14.33
C PHE B 171 -5.96 -8.44 -13.14
N GLY B 172 -7.06 -7.71 -13.02
CA GLY B 172 -8.03 -7.90 -11.94
C GLY B 172 -7.62 -7.30 -10.60
N SER B 173 -6.62 -6.41 -10.60
CA SER B 173 -6.16 -5.81 -9.35
C SER B 173 -7.03 -4.65 -8.89
N VAL B 174 -7.14 -4.50 -7.57
CA VAL B 174 -8.03 -3.51 -6.97
C VAL B 174 -7.22 -2.32 -6.43
N GLN B 175 -6.01 -2.60 -5.98
CA GLN B 175 -5.05 -1.60 -5.53
C GLN B 175 -3.67 -2.13 -5.84
N SER B 176 -2.75 -1.22 -6.15
CA SER B 176 -1.39 -1.59 -6.54
CA SER B 176 -1.38 -1.61 -6.46
C SER B 176 -0.39 -0.48 -6.23
N MET B 177 0.85 -0.85 -5.92
CA MET B 177 1.92 0.13 -5.86
C MET B 177 2.96 -0.26 -6.90
N GLY B 178 3.15 0.63 -7.87
CA GLY B 178 4.09 0.38 -8.96
C GLY B 178 5.44 1.02 -8.72
N ILE B 179 6.44 0.55 -9.45
CA ILE B 179 7.79 1.11 -9.40
C ILE B 179 7.93 2.19 -10.48
N ILE B 180 8.33 3.38 -10.06
CA ILE B 180 8.49 4.54 -10.95
C ILE B 180 9.52 4.26 -12.04
N ASN B 181 9.11 4.51 -13.29
CA ASN B 181 9.99 4.39 -14.44
C ASN B 181 11.02 5.53 -14.48
N HIS B 182 12.14 5.32 -13.79
CA HIS B 182 13.27 6.28 -13.71
C HIS B 182 13.78 6.67 -15.12
N PRO B 183 14.09 7.96 -15.35
CA PRO B 183 14.19 9.12 -14.47
C PRO B 183 12.92 9.98 -14.35
N GLN B 184 11.75 9.36 -14.55
CA GLN B 184 10.49 10.07 -14.36
C GLN B 184 10.18 10.28 -12.87
N ALA B 185 9.17 11.10 -12.59
CA ALA B 185 8.86 11.53 -11.21
C ALA B 185 7.75 10.73 -10.55
N ALA B 186 6.86 10.17 -11.36
CA ALA B 186 5.67 9.49 -10.84
C ALA B 186 5.15 8.39 -11.77
N ILE B 187 4.38 7.46 -11.19
CA ILE B 187 3.67 6.45 -11.97
C ILE B 187 2.25 6.29 -11.45
N LEU B 188 1.28 6.18 -12.37
CA LEU B 188 -0.10 5.96 -11.99
C LEU B 188 -0.59 4.59 -12.40
N GLN B 189 -1.17 3.87 -11.45
CA GLN B 189 -1.84 2.61 -11.74
C GLN B 189 -3.33 2.88 -11.76
N VAL B 190 -3.98 2.49 -12.85
CA VAL B 190 -5.43 2.56 -12.96
C VAL B 190 -5.97 1.17 -12.66
N GLU B 191 -6.65 1.03 -11.52
CA GLU B 191 -7.13 -0.27 -11.08
C GLU B 191 -8.39 -0.75 -11.78
N SER B 192 -8.98 -1.83 -11.26
CA SER B 192 -10.23 -2.38 -11.79
C SER B 192 -11.40 -1.47 -11.45
N ILE B 193 -12.31 -1.35 -12.41
CA ILE B 193 -13.59 -0.69 -12.20
C ILE B 193 -14.52 -1.72 -11.56
N VAL B 194 -15.01 -1.41 -10.35
CA VAL B 194 -15.83 -2.34 -9.57
C VAL B 194 -17.12 -1.65 -9.14
N LYS B 195 -18.25 -2.33 -9.31
CA LYS B 195 -19.54 -1.83 -8.80
C LYS B 195 -19.53 -1.91 -7.27
N ARG B 196 -19.85 -0.78 -6.63
CA ARG B 196 -19.78 -0.67 -5.16
C ARG B 196 -20.98 0.08 -4.58
N PRO B 197 -21.44 -0.33 -3.38
CA PRO B 197 -22.41 0.53 -2.70
C PRO B 197 -21.69 1.77 -2.19
N VAL B 198 -22.33 2.92 -2.34
CA VAL B 198 -21.65 4.20 -2.19
C VAL B 198 -22.63 5.19 -1.57
N ILE B 199 -22.13 6.18 -0.83
CA ILE B 199 -23.00 7.21 -0.26
C ILE B 199 -23.01 8.49 -1.10
N ILE B 200 -24.16 8.80 -1.68
CA ILE B 200 -24.38 10.07 -2.38
C ILE B 200 -25.57 10.78 -1.74
N ASP B 201 -25.30 11.97 -1.19
CA ASP B 201 -26.30 12.81 -0.51
C ASP B 201 -27.13 12.04 0.53
N ASP B 202 -26.43 11.33 1.40
CA ASP B 202 -27.02 10.44 2.42
C ASP B 202 -27.89 9.28 1.89
N MET B 203 -27.75 8.97 0.60
CA MET B 203 -28.46 7.83 0.01
C MET B 203 -27.45 6.76 -0.40
N ILE B 204 -27.91 5.51 -0.49
CA ILE B 204 -27.07 4.41 -0.97
C ILE B 204 -27.23 4.25 -2.48
N ALA B 205 -26.12 4.37 -3.20
CA ALA B 205 -26.13 4.24 -4.67
C ALA B 205 -25.15 3.17 -5.11
N VAL B 206 -25.43 2.57 -6.27
CA VAL B 206 -24.53 1.65 -6.92
C VAL B 206 -23.73 2.42 -7.96
N ARG B 207 -22.41 2.50 -7.76
CA ARG B 207 -21.54 3.23 -8.66
C ARG B 207 -20.39 2.38 -9.15
N ASP B 208 -19.86 2.73 -10.31
CA ASP B 208 -18.70 2.07 -10.88
C ASP B 208 -17.43 2.75 -10.40
N MET B 209 -16.90 2.24 -9.28
CA MET B 209 -15.76 2.89 -8.63
C MET B 209 -14.43 2.34 -9.12
N VAL B 210 -13.44 3.22 -9.22
CA VAL B 210 -12.09 2.82 -9.60
C VAL B 210 -11.07 3.51 -8.70
N ASN B 211 -10.06 2.75 -8.25
CA ASN B 211 -8.95 3.34 -7.51
C ASN B 211 -7.85 3.83 -8.44
N LEU B 212 -7.31 5.02 -8.13
CA LEU B 212 -6.13 5.50 -8.82
C LEU B 212 -4.97 5.52 -7.84
N CYS B 213 -3.92 4.78 -8.16
CA CYS B 213 -2.81 4.59 -7.23
C CYS B 213 -1.51 5.19 -7.79
N LEU B 214 -0.94 6.13 -7.04
CA LEU B 214 0.18 6.93 -7.49
C LEU B 214 1.41 6.71 -6.62
N SER B 215 2.52 6.33 -7.23
CA SER B 215 3.82 6.36 -6.55
C SER B 215 4.54 7.65 -6.95
N ILE B 216 5.17 8.30 -5.97
CA ILE B 216 5.89 9.56 -6.24
C ILE B 216 7.35 9.53 -5.80
N ASP B 217 8.19 10.24 -6.54
CA ASP B 217 9.55 10.56 -6.11
C ASP B 217 9.44 11.67 -5.08
N HIS B 218 9.63 11.29 -3.81
CA HIS B 218 9.47 12.22 -2.70
C HIS B 218 10.58 13.27 -2.56
N ARG B 219 11.63 13.16 -3.38
CA ARG B 219 12.61 14.24 -3.52
C ARG B 219 12.01 15.44 -4.25
N ILE B 220 11.08 15.15 -5.16
CA ILE B 220 10.46 16.16 -6.00
C ILE B 220 9.10 16.61 -5.45
N LEU B 221 8.31 15.65 -4.96
CA LEU B 221 6.90 15.88 -4.65
C LEU B 221 6.52 15.47 -3.23
N ASP B 222 5.49 16.12 -2.70
CA ASP B 222 4.91 15.72 -1.42
C ASP B 222 3.43 15.38 -1.61
N GLY B 223 2.75 15.09 -0.51
CA GLY B 223 1.33 14.78 -0.53
C GLY B 223 0.42 15.88 -1.08
N LEU B 224 0.82 17.13 -0.86
CA LEU B 224 0.05 18.30 -1.27
C LEU B 224 -0.13 18.38 -2.79
N LEU B 225 0.98 18.34 -3.53
CA LEU B 225 0.97 18.33 -4.99
C LEU B 225 0.32 17.07 -5.57
N ALA B 226 0.68 15.91 -5.01
CA ALA B 226 0.14 14.62 -5.41
C ALA B 226 -1.37 14.54 -5.21
N GLY B 227 -1.85 15.09 -4.09
CA GLY B 227 -3.29 15.17 -3.80
C GLY B 227 -4.03 16.05 -4.77
N LYS B 228 -3.44 17.20 -5.11
CA LYS B 228 -4.02 18.14 -6.07
C LYS B 228 -4.11 17.52 -7.46
N PHE B 229 -3.02 16.88 -7.87
CA PHE B 229 -2.93 16.16 -9.15
C PHE B 229 -3.99 15.05 -9.27
N LEU B 230 -4.11 14.24 -8.23
CA LEU B 230 -5.09 13.15 -8.21
C LEU B 230 -6.52 13.67 -8.22
N GLN B 231 -6.72 14.83 -7.61
CA GLN B 231 -8.03 15.46 -7.56
C GLN B 231 -8.42 15.98 -8.94
N ALA B 232 -7.43 16.51 -9.65
CA ALA B 232 -7.62 16.96 -11.02
C ALA B 232 -8.04 15.81 -11.95
N ILE B 233 -7.35 14.67 -11.85
CA ILE B 233 -7.73 13.48 -12.65
C ILE B 233 -9.12 13.00 -12.26
N LYS B 234 -9.40 12.99 -10.95
CA LYS B 234 -10.70 12.61 -10.43
C LYS B 234 -11.81 13.46 -11.02
N ALA B 235 -11.64 14.78 -10.98
CA ALA B 235 -12.59 15.73 -11.55
C ALA B 235 -12.76 15.56 -13.07
N ASN B 236 -11.64 15.33 -13.77
CA ASN B 236 -11.66 15.04 -15.21
C ASN B 236 -12.48 13.79 -15.58
N VAL B 237 -12.36 12.73 -14.77
CA VAL B 237 -13.08 11.48 -15.02
C VAL B 237 -14.56 11.60 -14.62
N GLU B 238 -14.82 12.24 -13.49
CA GLU B 238 -16.17 12.32 -12.95
C GLU B 238 -17.11 13.25 -13.72
N LYS B 239 -16.54 14.16 -14.52
CA LYS B 239 -17.34 15.06 -15.36
C LYS B 239 -17.73 14.46 -16.71
N ILE B 240 -17.22 13.26 -17.02
CA ILE B 240 -17.48 12.61 -18.30
C ILE B 240 -18.93 12.17 -18.47
N SER B 241 -19.57 12.70 -19.52
CA SER B 241 -20.91 12.31 -19.94
C SER B 241 -21.05 12.55 -21.45
N LYS B 242 -22.27 12.41 -21.95
CA LYS B 242 -22.60 12.62 -23.37
C LYS B 242 -22.40 14.07 -23.84
N GLU B 243 -22.69 15.03 -22.95
CA GLU B 243 -22.66 16.44 -23.29
C GLU B 243 -21.31 17.11 -23.08
N ASN B 244 -20.57 16.63 -22.08
CA ASN B 244 -19.28 17.21 -21.71
C ASN B 244 -18.11 16.73 -22.55
N THR B 245 -18.19 15.48 -23.02
CA THR B 245 -17.06 14.82 -23.66
C THR B 245 -17.24 14.61 -25.16
N ALA B 246 -16.29 15.14 -25.93
CA ALA B 246 -16.23 14.90 -27.37
C ALA B 246 -15.04 14.01 -27.69
N LEU B 247 -15.27 13.00 -28.52
CA LEU B 247 -14.21 12.04 -28.89
C LEU B 247 -13.27 12.59 -29.96
N TYR B 248 -13.73 13.60 -30.69
CA TYR B 248 -12.99 14.15 -31.83
C TYR B 248 -12.72 15.64 -31.62
N PRO C 10 22.48 13.29 13.37
CA PRO C 10 21.14 12.88 13.80
C PRO C 10 21.14 12.22 15.19
N PRO C 11 20.66 12.96 16.22
CA PRO C 11 20.65 12.45 17.60
C PRO C 11 19.71 11.24 17.75
N VAL C 12 20.13 10.28 18.55
CA VAL C 12 19.35 9.06 18.78
C VAL C 12 18.71 9.07 20.18
N ARG C 13 18.96 10.13 20.93
CA ARG C 13 18.43 10.28 22.28
C ARG C 13 17.77 11.65 22.44
N SER C 14 16.71 11.72 23.24
CA SER C 14 16.03 12.99 23.51
C SER C 14 15.73 13.19 25.00
N ALA C 15 16.25 12.30 25.84
CA ALA C 15 16.16 12.42 27.31
C ALA C 15 17.18 11.53 27.98
N ALA C 16 17.67 11.98 29.14
CA ALA C 16 18.52 11.17 30.02
C ALA C 16 17.85 9.86 30.44
N GLY C 17 16.55 9.91 30.66
CA GLY C 17 15.75 8.73 31.01
C GLY C 17 15.35 7.81 29.87
N ASP C 18 15.85 8.06 28.66
CA ASP C 18 15.63 7.15 27.52
C ASP C 18 16.19 5.77 27.85
N LYS C 19 15.41 4.74 27.52
CA LYS C 19 15.75 3.37 27.82
C LYS C 19 16.52 2.74 26.65
N GLU C 20 17.65 2.12 26.94
CA GLU C 20 18.40 1.39 25.94
C GLU C 20 18.17 -0.11 26.07
N ILE C 21 17.70 -0.74 25.00
CA ILE C 21 17.45 -2.17 24.98
C ILE C 21 18.48 -2.85 24.08
N PRO C 22 19.34 -3.71 24.67
CA PRO C 22 20.34 -4.44 23.89
C PRO C 22 19.70 -5.48 22.99
N ILE C 23 20.33 -5.73 21.84
CA ILE C 23 19.80 -6.63 20.83
C ILE C 23 20.64 -7.90 20.75
N ASN C 24 20.01 -9.04 21.07
CA ASN C 24 20.63 -10.36 20.99
C ASN C 24 20.98 -10.77 19.55
N GLY C 25 21.66 -11.90 19.41
CA GLY C 25 22.11 -12.40 18.11
C GLY C 25 20.99 -12.76 17.15
N VAL C 26 19.90 -13.31 17.69
CA VAL C 26 18.74 -13.71 16.89
C VAL C 26 18.02 -12.50 16.27
N ARG C 27 17.63 -11.56 17.14
CA ARG C 27 16.97 -10.31 16.75
C ARG C 27 17.76 -9.50 15.71
N LYS C 28 19.08 -9.45 15.89
CA LYS C 28 19.97 -8.75 14.98
C LYS C 28 20.02 -9.43 13.61
N ALA C 29 19.84 -10.74 13.61
CA ALA C 29 19.85 -11.53 12.38
C ALA C 29 18.54 -11.37 11.59
N ILE C 30 17.42 -11.30 12.31
CA ILE C 30 16.12 -10.97 11.71
C ILE C 30 16.16 -9.58 11.06
N ALA C 31 16.72 -8.60 11.77
CA ALA C 31 16.82 -7.24 11.28
C ALA C 31 17.74 -7.10 10.07
N LYS C 32 18.84 -7.85 10.06
CA LYS C 32 19.79 -7.85 8.96
C LYS C 32 19.14 -8.49 7.73
N HIS C 33 18.34 -9.52 7.98
CA HIS C 33 17.58 -10.19 6.93
C HIS C 33 16.57 -9.24 6.26
N MET C 34 15.82 -8.49 7.08
CA MET C 34 14.87 -7.50 6.56
C MET C 34 15.55 -6.39 5.73
N SER C 35 16.70 -5.92 6.18
CA SER C 35 17.49 -4.91 5.48
C SER C 35 18.03 -5.42 4.16
N VAL C 36 18.56 -6.64 4.15
CA VAL C 36 19.08 -7.27 2.94
C VAL C 36 17.95 -7.43 1.91
N SER C 37 16.83 -7.98 2.36
CA SER C 37 15.65 -8.17 1.51
C SER C 37 15.23 -6.87 0.80
N LYS C 38 15.08 -5.79 1.56
CA LYS C 38 14.64 -4.51 0.98
C LYS C 38 15.68 -3.87 0.06
N GLN C 39 16.96 -4.05 0.39
CA GLN C 39 18.04 -3.53 -0.42
C GLN C 39 18.21 -4.28 -1.75
N GLU C 40 18.12 -5.60 -1.69
CA GLU C 40 18.36 -6.45 -2.86
C GLU C 40 17.16 -6.63 -3.79
N ILE C 41 15.94 -6.54 -3.25
CA ILE C 41 14.73 -6.81 -4.03
C ILE C 41 13.93 -5.53 -4.30
N PRO C 42 13.71 -5.20 -5.59
CA PRO C 42 12.78 -4.11 -5.89
C PRO C 42 11.32 -4.58 -5.79
N HIS C 43 10.69 -4.24 -4.67
CA HIS C 43 9.32 -4.67 -4.36
C HIS C 43 8.29 -3.87 -5.16
N ALA C 44 7.29 -4.58 -5.67
CA ALA C 44 6.05 -3.98 -6.13
C ALA C 44 4.92 -4.69 -5.40
N TRP C 45 3.73 -4.09 -5.38
CA TRP C 45 2.66 -4.60 -4.56
C TRP C 45 1.33 -4.60 -5.30
N MET C 46 0.47 -5.56 -4.97
CA MET C 46 -0.80 -5.76 -5.67
C MET C 46 -1.81 -6.38 -4.71
N MET C 47 -3.07 -5.95 -4.83
CA MET C 47 -4.12 -6.35 -3.91
C MET C 47 -5.41 -6.79 -4.62
N VAL C 48 -6.03 -7.84 -4.10
CA VAL C 48 -7.27 -8.39 -4.64
C VAL C 48 -8.27 -8.66 -3.51
N GLU C 49 -9.54 -8.33 -3.75
CA GLU C 49 -10.63 -8.61 -2.82
C GLU C 49 -11.17 -10.01 -3.07
N VAL C 50 -11.49 -10.74 -1.99
CA VAL C 50 -11.95 -12.13 -2.09
C VAL C 50 -13.16 -12.40 -1.21
N ASP C 51 -14.19 -13.03 -1.79
CA ASP C 51 -15.37 -13.44 -1.04
C ASP C 51 -15.08 -14.74 -0.26
N ALA C 52 -14.92 -14.61 1.05
CA ALA C 52 -14.58 -15.75 1.90
C ALA C 52 -15.77 -16.35 2.66
N THR C 53 -16.98 -16.02 2.22
CA THR C 53 -18.20 -16.42 2.93
C THR C 53 -18.33 -17.94 3.04
N GLY C 54 -18.11 -18.63 1.91
CA GLY C 54 -18.13 -20.08 1.84
C GLY C 54 -17.11 -20.73 2.78
N LEU C 55 -15.92 -20.16 2.83
CA LEU C 55 -14.93 -20.61 3.78
C LEU C 55 -15.30 -20.37 5.23
N VAL C 56 -15.83 -19.20 5.53
CA VAL C 56 -16.28 -18.90 6.89
C VAL C 56 -17.38 -19.88 7.33
N ARG C 57 -18.40 -20.05 6.47
CA ARG C 57 -19.51 -20.98 6.75
C ARG C 57 -19.06 -22.42 6.96
N TYR C 58 -18.15 -22.90 6.11
CA TYR C 58 -17.62 -24.25 6.22
C TYR C 58 -16.85 -24.45 7.52
N ARG C 59 -15.91 -23.54 7.79
CA ARG C 59 -15.06 -23.64 8.96
C ARG C 59 -15.86 -23.67 10.24
N ASN C 60 -16.83 -22.76 10.35
CA ASN C 60 -17.64 -22.65 11.56
C ASN C 60 -18.60 -23.82 11.76
N ALA C 61 -18.99 -24.46 10.65
CA ALA C 61 -19.81 -25.67 10.70
C ALA C 61 -19.05 -26.85 11.29
N VAL C 62 -17.77 -26.99 10.95
CA VAL C 62 -17.00 -28.19 11.32
C VAL C 62 -15.97 -28.02 12.44
N LYS C 63 -15.74 -26.79 12.89
CA LYS C 63 -14.64 -26.51 13.84
C LYS C 63 -14.73 -27.20 15.20
N ASP C 64 -15.95 -27.34 15.71
CA ASP C 64 -16.18 -27.87 17.06
C ASP C 64 -15.94 -29.38 17.13
N SER C 65 -16.52 -30.11 16.17
CA SER C 65 -16.29 -31.56 16.08
C SER C 65 -14.87 -31.92 15.64
N PHE C 66 -14.21 -30.98 14.96
CA PHE C 66 -12.80 -31.12 14.58
C PHE C 66 -11.91 -31.15 15.82
N LYS C 67 -12.16 -30.25 16.76
CA LYS C 67 -11.36 -30.15 17.98
C LYS C 67 -11.61 -31.31 18.94
N LYS C 68 -12.82 -31.85 18.91
CA LYS C 68 -13.19 -33.05 19.66
C LYS C 68 -12.43 -34.26 19.15
N GLU C 69 -12.38 -34.40 17.81
CA GLU C 69 -11.82 -35.60 17.18
C GLU C 69 -10.29 -35.57 17.04
N GLU C 70 -9.71 -34.38 16.89
CA GLU C 70 -8.28 -34.27 16.59
C GLU C 70 -7.42 -33.68 17.73
N GLY C 71 -8.03 -32.86 18.57
CA GLY C 71 -7.33 -32.29 19.73
C GLY C 71 -6.63 -30.97 19.47
N TYR C 72 -6.66 -30.52 18.22
CA TYR C 72 -6.14 -29.20 17.84
C TYR C 72 -7.22 -28.46 17.03
N SER C 73 -7.18 -27.14 17.06
CA SER C 73 -8.21 -26.35 16.39
C SER C 73 -7.94 -26.11 14.90
N LEU C 74 -9.01 -25.94 14.14
CA LEU C 74 -8.95 -25.64 12.72
C LEU C 74 -9.19 -24.14 12.52
N THR C 75 -8.15 -23.43 12.09
CA THR C 75 -8.24 -22.00 11.82
C THR C 75 -8.57 -21.76 10.35
N TYR C 76 -8.91 -20.51 10.00
CA TYR C 76 -9.12 -20.11 8.62
C TYR C 76 -7.83 -20.23 7.82
N PHE C 77 -6.71 -20.02 8.51
CA PHE C 77 -5.38 -19.98 7.91
C PHE C 77 -5.00 -21.24 7.14
N ALA C 78 -5.35 -22.40 7.69
CA ALA C 78 -5.09 -23.70 7.04
C ALA C 78 -5.66 -23.77 5.62
N PHE C 79 -6.87 -23.25 5.46
CA PHE C 79 -7.56 -23.18 4.16
C PHE C 79 -6.83 -22.25 3.20
N PHE C 80 -6.30 -21.15 3.73
CA PHE C 80 -5.59 -20.18 2.90
C PHE C 80 -4.25 -20.73 2.43
N ILE C 81 -3.54 -21.41 3.34
CA ILE C 81 -2.30 -22.10 2.99
C ILE C 81 -2.52 -23.07 1.84
N LYS C 82 -3.55 -23.90 1.98
CA LYS C 82 -3.90 -24.90 0.98
C LYS C 82 -4.22 -24.28 -0.39
N ALA C 83 -5.02 -23.22 -0.39
CA ALA C 83 -5.38 -22.50 -1.62
C ALA C 83 -4.16 -21.86 -2.31
N VAL C 84 -3.21 -21.39 -1.52
CA VAL C 84 -1.95 -20.84 -2.03
C VAL C 84 -1.08 -21.95 -2.62
N ALA C 85 -0.97 -23.05 -1.88
CA ALA C 85 -0.23 -24.23 -2.33
C ALA C 85 -0.68 -24.74 -3.70
N GLN C 86 -1.99 -24.86 -3.90
CA GLN C 86 -2.53 -25.36 -5.17
C GLN C 86 -2.28 -24.38 -6.32
N ALA C 87 -2.34 -23.09 -6.02
CA ALA C 87 -2.11 -22.05 -7.01
C ALA C 87 -0.66 -22.00 -7.45
N LEU C 88 0.25 -22.32 -6.53
CA LEU C 88 1.69 -22.36 -6.82
C LEU C 88 2.07 -23.51 -7.76
N LYS C 89 1.33 -24.62 -7.70
CA LYS C 89 1.45 -25.72 -8.66
C LYS C 89 1.18 -25.23 -10.08
N GLU C 90 0.21 -24.35 -10.21
CA GLU C 90 -0.19 -23.79 -11.49
C GLU C 90 0.78 -22.68 -11.95
N PHE C 91 1.45 -22.04 -10.98
CA PHE C 91 2.34 -20.90 -11.28
C PHE C 91 3.72 -21.03 -10.64
N PRO C 92 4.63 -21.81 -11.26
CA PRO C 92 5.96 -22.01 -10.66
C PRO C 92 6.89 -20.79 -10.68
N GLN C 93 6.60 -19.79 -11.53
CA GLN C 93 7.36 -18.53 -11.58
CA GLN C 93 7.39 -18.56 -11.58
C GLN C 93 7.30 -17.77 -10.26
N LEU C 94 6.23 -18.00 -9.51
CA LEU C 94 6.04 -17.39 -8.20
C LEU C 94 6.73 -18.16 -7.09
N ASN C 95 7.10 -19.39 -7.38
CA ASN C 95 7.81 -20.25 -6.45
C ASN C 95 9.30 -20.27 -6.82
N SER C 96 9.90 -19.09 -6.93
CA SER C 96 11.20 -18.97 -7.58
C SER C 96 12.20 -18.07 -6.85
N THR C 97 13.40 -17.97 -7.40
CA THR C 97 14.49 -17.20 -6.81
C THR C 97 15.31 -16.52 -7.91
N TRP C 98 15.64 -15.25 -7.70
CA TRP C 98 16.54 -14.54 -8.58
C TRP C 98 17.99 -14.94 -8.29
N ALA C 99 18.74 -15.32 -9.32
CA ALA C 99 20.14 -15.68 -9.14
C ALA C 99 21.04 -15.09 -10.25
N GLY C 100 21.06 -13.77 -10.33
CA GLY C 100 21.96 -13.05 -11.24
C GLY C 100 21.60 -13.13 -12.71
N ASP C 101 22.01 -14.24 -13.34
CA ASP C 101 21.80 -14.44 -14.78
C ASP C 101 20.70 -15.47 -15.06
N LYS C 102 20.16 -16.06 -14.00
CA LYS C 102 19.09 -17.06 -14.13
C LYS C 102 18.03 -16.95 -13.02
N ILE C 103 16.82 -17.39 -13.35
CA ILE C 103 15.75 -17.55 -12.37
C ILE C 103 15.65 -19.04 -12.04
N ILE C 104 15.72 -19.38 -10.75
CA ILE C 104 15.56 -20.77 -10.32
C ILE C 104 14.13 -21.01 -9.85
N GLU C 105 13.40 -21.85 -10.57
CA GLU C 105 12.07 -22.31 -10.17
C GLU C 105 12.15 -23.58 -9.30
N HIS C 106 11.66 -23.47 -8.08
CA HIS C 106 11.75 -24.59 -7.12
C HIS C 106 10.73 -25.69 -7.34
N ALA C 107 11.18 -26.93 -7.19
CA ALA C 107 10.33 -28.10 -7.37
C ALA C 107 9.45 -28.37 -6.15
N ASN C 108 9.89 -27.91 -4.98
CA ASN C 108 9.11 -28.04 -3.76
C ASN C 108 8.31 -26.77 -3.47
N ILE C 109 7.04 -26.95 -3.10
CA ILE C 109 6.25 -25.85 -2.56
C ILE C 109 6.37 -25.90 -1.05
N ASN C 110 7.30 -25.10 -0.52
CA ASN C 110 7.52 -25.03 0.92
C ASN C 110 7.18 -23.65 1.44
N ILE C 111 6.05 -23.58 2.14
CA ILE C 111 5.47 -22.31 2.53
C ILE C 111 5.94 -21.89 3.92
N SER C 112 6.67 -20.78 3.95
CA SER C 112 7.03 -20.11 5.19
C SER C 112 5.79 -19.43 5.76
N ILE C 113 5.54 -19.64 7.05
CA ILE C 113 4.45 -18.95 7.73
C ILE C 113 4.98 -18.12 8.88
N ALA C 114 4.40 -16.96 9.12
CA ALA C 114 4.83 -16.11 10.23
C ALA C 114 4.06 -16.46 11.49
N ILE C 115 4.80 -16.79 12.56
CA ILE C 115 4.25 -16.89 13.91
C ILE C 115 5.16 -16.08 14.82
N ALA C 116 4.68 -14.92 15.26
CA ALA C 116 5.49 -14.00 16.05
C ALA C 116 5.26 -14.17 17.55
N ALA C 117 6.33 -13.97 18.33
CA ALA C 117 6.24 -13.87 19.79
C ALA C 117 5.97 -12.43 20.18
N GLY C 118 5.83 -12.16 21.47
CA GLY C 118 5.68 -10.78 21.97
C GLY C 118 6.89 -9.91 21.67
N ASP C 119 8.08 -10.50 21.78
CA ASP C 119 9.35 -9.80 21.52
C ASP C 119 9.73 -9.81 20.04
N LEU C 120 9.76 -10.99 19.43
CA LEU C 120 10.26 -11.16 18.07
C LEU C 120 9.35 -11.96 17.12
N LEU C 121 9.92 -12.42 16.01
CA LEU C 121 9.17 -13.01 14.90
C LEU C 121 9.82 -14.29 14.39
N TYR C 122 9.09 -15.41 14.49
CA TYR C 122 9.56 -16.69 13.93
C TYR C 122 8.89 -17.00 12.60
N VAL C 123 9.67 -17.47 11.63
CA VAL C 123 9.13 -17.87 10.33
C VAL C 123 9.39 -19.36 9.99
N PRO C 124 8.65 -20.30 10.61
CA PRO C 124 8.84 -21.70 10.24
C PRO C 124 8.23 -22.05 8.87
N VAL C 125 8.62 -23.22 8.35
CA VAL C 125 8.28 -23.63 7.00
C VAL C 125 7.45 -24.92 7.02
N ILE C 126 6.31 -24.90 6.33
CA ILE C 126 5.56 -26.11 6.04
C ILE C 126 6.04 -26.67 4.71
N LYS C 127 6.83 -27.74 4.79
CA LYS C 127 7.38 -28.40 3.61
C LYS C 127 6.32 -29.14 2.81
N ASN C 128 6.44 -29.07 1.48
CA ASN C 128 5.54 -29.76 0.54
C ASN C 128 4.05 -29.59 0.86
N ALA C 129 3.67 -28.31 1.04
CA ALA C 129 2.33 -27.93 1.47
C ALA C 129 1.23 -28.37 0.51
N ASP C 130 1.56 -28.42 -0.78
CA ASP C 130 0.65 -28.95 -1.81
C ASP C 130 0.27 -30.41 -1.60
N GLU C 131 1.17 -31.18 -0.98
CA GLU C 131 0.96 -32.60 -0.74
C GLU C 131 0.33 -32.91 0.62
N LYS C 132 -0.01 -31.86 1.38
CA LYS C 132 -0.68 -32.03 2.67
C LYS C 132 -2.16 -31.66 2.54
N SER C 133 -2.99 -32.30 3.37
CA SER C 133 -4.40 -31.97 3.44
C SER C 133 -4.58 -30.80 4.39
N ILE C 134 -5.78 -30.21 4.40
CA ILE C 134 -6.11 -29.10 5.30
C ILE C 134 -5.92 -29.50 6.77
N LYS C 135 -6.40 -30.69 7.13
CA LYS C 135 -6.15 -31.29 8.45
C LYS C 135 -4.64 -31.36 8.78
N GLY C 136 -3.87 -31.86 7.82
CA GLY C 136 -2.40 -31.94 7.96
C GLY C 136 -1.71 -30.60 8.15
N ILE C 137 -2.17 -29.60 7.40
CA ILE C 137 -1.65 -28.24 7.52
C ILE C 137 -2.03 -27.63 8.88
N ALA C 138 -3.29 -27.81 9.29
CA ALA C 138 -3.76 -27.36 10.60
C ALA C 138 -3.00 -28.01 11.77
N ARG C 139 -2.69 -29.30 11.63
CA ARG C 139 -1.86 -30.04 12.60
C ARG C 139 -0.48 -29.41 12.72
N GLU C 140 0.13 -29.14 11.56
CA GLU C 140 1.46 -28.60 11.50
C GLU C 140 1.53 -27.17 12.06
N ILE C 141 0.49 -26.39 11.78
CA ILE C 141 0.38 -25.01 12.31
C ILE C 141 0.35 -25.00 13.85
N SER C 142 -0.48 -25.83 14.45
CA SER C 142 -0.58 -25.88 15.92
C SER C 142 0.69 -26.43 16.57
N GLU C 143 1.34 -27.38 15.88
CA GLU C 143 2.64 -27.91 16.31
C GLU C 143 3.72 -26.82 16.27
N LEU C 144 3.82 -26.11 15.16
CA LEU C 144 4.83 -25.06 15.00
C LEU C 144 4.62 -23.88 15.93
N ALA C 145 3.35 -23.52 16.16
CA ALA C 145 2.99 -22.50 17.15
C ALA C 145 3.31 -22.97 18.57
N GLY C 146 3.07 -24.26 18.83
CA GLY C 146 3.43 -24.88 20.11
C GLY C 146 4.93 -24.89 20.37
N LYS C 147 5.71 -25.13 19.32
CA LYS C 147 7.17 -25.15 19.44
C LYS C 147 7.77 -23.75 19.50
N ALA C 148 7.07 -22.77 18.95
CA ALA C 148 7.51 -21.37 18.99
C ALA C 148 7.26 -20.76 20.38
N ARG C 149 6.23 -21.27 21.05
CA ARG C 149 5.85 -20.79 22.37
C ARG C 149 6.79 -21.33 23.44
N ASN C 150 7.30 -22.54 23.21
CA ASN C 150 8.22 -23.20 24.14
C ASN C 150 9.69 -22.94 23.83
N GLY C 151 9.95 -22.25 22.71
CA GLY C 151 11.31 -21.94 22.26
C GLY C 151 12.09 -23.15 21.76
N LYS C 152 11.38 -24.19 21.35
CA LYS C 152 12.01 -25.43 20.90
C LYS C 152 11.87 -25.59 19.38
N LEU C 153 12.34 -24.59 18.65
CA LEU C 153 12.20 -24.53 17.20
C LEU C 153 13.55 -24.75 16.52
N SER C 154 13.67 -25.87 15.80
CA SER C 154 14.93 -26.23 15.13
C SER C 154 15.21 -25.41 13.87
N GLN C 155 16.44 -25.50 13.36
CA GLN C 155 16.84 -24.82 12.13
C GLN C 155 16.24 -25.50 10.90
N ALA C 156 15.96 -26.80 11.00
CA ALA C 156 15.26 -27.56 9.97
C ALA C 156 13.80 -27.12 9.82
N ASP C 157 13.24 -26.57 10.89
CA ASP C 157 11.92 -25.96 10.85
C ASP C 157 11.93 -24.62 10.13
N MET C 158 13.08 -23.93 10.12
CA MET C 158 13.19 -22.58 9.57
C MET C 158 13.73 -22.51 8.13
N GLU C 159 14.16 -23.64 7.58
CA GLU C 159 14.88 -23.66 6.30
C GLU C 159 14.08 -24.17 5.10
N GLY C 160 14.50 -23.76 3.90
CA GLY C 160 13.99 -24.32 2.65
C GLY C 160 12.72 -23.72 2.11
N GLY C 161 12.25 -22.65 2.75
CA GLY C 161 11.06 -21.92 2.32
C GLY C 161 11.23 -21.34 0.93
N THR C 162 10.16 -21.43 0.15
CA THR C 162 10.18 -21.02 -1.25
C THR C 162 9.12 -19.94 -1.52
N PHE C 163 8.21 -19.78 -0.57
CA PHE C 163 7.12 -18.80 -0.62
C PHE C 163 6.70 -18.50 0.82
N THR C 164 6.24 -17.29 1.08
CA THR C 164 5.83 -16.90 2.43
C THR C 164 4.38 -16.40 2.47
N VAL C 165 3.64 -16.87 3.47
CA VAL C 165 2.29 -16.42 3.74
C VAL C 165 2.21 -15.89 5.18
N ASN C 166 1.72 -14.67 5.35
CA ASN C 166 1.56 -14.08 6.67
C ASN C 166 0.09 -13.80 6.96
N SER C 167 -0.36 -14.22 8.13
CA SER C 167 -1.72 -13.97 8.59
C SER C 167 -1.78 -12.67 9.37
N THR C 168 -1.72 -11.55 8.65
CA THR C 168 -1.79 -10.21 9.26
C THR C 168 -3.18 -9.87 9.82
N GLY C 169 -4.19 -10.64 9.40
CA GLY C 169 -5.56 -10.53 9.92
C GLY C 169 -5.70 -10.94 11.37
N SER C 170 -4.76 -11.72 11.88
CA SER C 170 -4.66 -12.03 13.31
C SER C 170 -4.40 -10.79 14.15
N PHE C 171 -3.83 -9.75 13.52
CA PHE C 171 -3.49 -8.52 14.22
C PHE C 171 -4.48 -7.42 13.87
N GLY C 172 -5.55 -7.81 13.19
CA GLY C 172 -6.63 -6.88 12.84
C GLY C 172 -6.39 -5.95 11.66
N SER C 173 -5.35 -6.20 10.86
CA SER C 173 -5.12 -5.33 9.70
C SER C 173 -6.07 -5.63 8.54
N VAL C 174 -6.33 -4.60 7.75
CA VAL C 174 -7.29 -4.66 6.67
C VAL C 174 -6.52 -4.75 5.36
N GLN C 175 -5.42 -4.01 5.28
CA GLN C 175 -4.48 -4.06 4.16
C GLN C 175 -3.09 -3.96 4.74
N SER C 176 -2.13 -4.64 4.11
CA SER C 176 -0.73 -4.53 4.51
C SER C 176 0.21 -4.80 3.35
N MET C 177 1.41 -4.28 3.45
CA MET C 177 2.48 -4.56 2.51
C MET C 177 3.63 -5.15 3.30
N GLY C 178 4.05 -6.34 2.91
CA GLY C 178 5.11 -7.07 3.60
C GLY C 178 6.43 -7.06 2.84
N ILE C 179 7.50 -7.31 3.58
CA ILE C 179 8.84 -7.45 3.02
C ILE C 179 9.05 -8.91 2.62
N ILE C 180 9.49 -9.12 1.39
CA ILE C 180 9.74 -10.44 0.84
C ILE C 180 10.88 -11.13 1.60
N ASN C 181 10.68 -12.41 1.89
CA ASN C 181 11.66 -13.23 2.57
C ASN C 181 12.78 -13.65 1.61
N HIS C 182 13.80 -12.81 1.46
CA HIS C 182 14.95 -13.08 0.57
C HIS C 182 15.55 -14.47 0.86
N PRO C 183 15.85 -15.27 -0.20
CA PRO C 183 15.81 -14.97 -1.63
C PRO C 183 14.55 -15.44 -2.38
N GLN C 184 13.40 -15.42 -1.71
CA GLN C 184 12.13 -15.76 -2.36
C GLN C 184 11.66 -14.66 -3.31
N ALA C 185 10.61 -14.95 -4.09
CA ALA C 185 10.13 -14.03 -5.12
C ALA C 185 8.96 -13.19 -4.67
N ALA C 186 8.24 -13.67 -3.66
CA ALA C 186 6.95 -13.07 -3.30
C ALA C 186 6.52 -13.39 -1.87
N ILE C 187 5.68 -12.52 -1.32
CA ILE C 187 5.03 -12.77 -0.04
C ILE C 187 3.56 -12.37 -0.11
N LEU C 188 2.69 -13.22 0.40
CA LEU C 188 1.27 -12.94 0.47
C LEU C 188 0.86 -12.66 1.91
N GLN C 189 0.14 -11.55 2.09
CA GLN C 189 -0.46 -11.23 3.37
C GLN C 189 -1.95 -11.54 3.27
N VAL C 190 -2.44 -12.38 4.18
CA VAL C 190 -3.86 -12.64 4.29
C VAL C 190 -4.42 -11.76 5.40
N GLU C 191 -5.30 -10.84 5.02
CA GLU C 191 -5.81 -9.81 5.94
C GLU C 191 -7.01 -10.27 6.76
N SER C 192 -7.66 -9.33 7.44
CA SER C 192 -8.85 -9.62 8.24
C SER C 192 -10.03 -9.92 7.35
N ILE C 193 -10.89 -10.81 7.83
CA ILE C 193 -12.16 -11.10 7.20
C ILE C 193 -13.19 -10.13 7.79
N VAL C 194 -13.78 -9.31 6.93
CA VAL C 194 -14.70 -8.26 7.36
C VAL C 194 -16.02 -8.41 6.62
N LYS C 195 -17.13 -8.39 7.36
CA LYS C 195 -18.47 -8.28 6.76
C LYS C 195 -18.62 -6.94 6.03
N ARG C 196 -18.97 -7.00 4.75
CA ARG C 196 -19.08 -5.80 3.94
C ARG C 196 -20.35 -5.82 3.10
N PRO C 197 -20.93 -4.62 2.82
CA PRO C 197 -21.98 -4.62 1.81
C PRO C 197 -21.34 -4.68 0.44
N VAL C 198 -21.67 -5.70 -0.35
CA VAL C 198 -21.13 -5.81 -1.70
C VAL C 198 -22.23 -5.92 -2.74
N ILE C 199 -21.85 -5.80 -4.00
CA ILE C 199 -22.79 -5.89 -5.10
C ILE C 199 -22.66 -7.17 -5.91
N ILE C 200 -23.74 -7.96 -5.92
CA ILE C 200 -23.83 -9.22 -6.66
C ILE C 200 -25.07 -9.18 -7.54
N ASP C 201 -24.85 -9.18 -8.86
CA ASP C 201 -25.90 -9.11 -9.89
C ASP C 201 -26.85 -7.94 -9.66
N ASP C 202 -26.27 -6.76 -9.44
CA ASP C 202 -26.97 -5.50 -9.20
C ASP C 202 -27.76 -5.41 -7.88
N MET C 203 -27.61 -6.41 -7.03
CA MET C 203 -28.23 -6.41 -5.71
C MET C 203 -27.19 -6.17 -4.60
N ILE C 204 -27.63 -5.62 -3.48
CA ILE C 204 -26.76 -5.43 -2.32
C ILE C 204 -26.81 -6.66 -1.43
N ALA C 205 -25.65 -7.29 -1.25
CA ALA C 205 -25.53 -8.46 -0.38
C ALA C 205 -24.56 -8.17 0.76
N VAL C 206 -24.58 -9.03 1.78
CA VAL C 206 -23.69 -8.95 2.92
C VAL C 206 -22.78 -10.17 2.86
N ARG C 207 -21.49 -9.94 2.60
CA ARG C 207 -20.53 -11.04 2.45
C ARG C 207 -19.28 -10.82 3.32
N ASP C 208 -18.61 -11.93 3.64
CA ASP C 208 -17.37 -11.90 4.43
C ASP C 208 -16.19 -11.70 3.48
N MET C 209 -15.71 -10.47 3.37
CA MET C 209 -14.64 -10.16 2.41
C MET C 209 -13.25 -10.19 3.05
N VAL C 210 -12.25 -10.59 2.27
CA VAL C 210 -10.85 -10.60 2.73
C VAL C 210 -9.94 -10.07 1.64
N ASN C 211 -9.03 -9.18 2.01
CA ASN C 211 -8.00 -8.71 1.09
C ASN C 211 -6.79 -9.64 1.06
N LEU C 212 -6.30 -9.91 -0.14
CA LEU C 212 -5.03 -10.61 -0.32
C LEU C 212 -4.03 -9.64 -0.91
N CYS C 213 -2.93 -9.44 -0.18
CA CYS C 213 -1.96 -8.43 -0.50
C CYS C 213 -0.60 -9.08 -0.81
N LEU C 214 -0.16 -8.92 -2.04
CA LEU C 214 1.04 -9.59 -2.54
C LEU C 214 2.17 -8.60 -2.87
N SER C 215 3.34 -8.82 -2.26
CA SER C 215 4.56 -8.13 -2.66
C SER C 215 5.35 -9.05 -3.58
N ILE C 216 5.87 -8.50 -4.67
CA ILE C 216 6.61 -9.28 -5.67
C ILE C 216 7.99 -8.72 -6.00
N ASP C 217 8.92 -9.63 -6.33
CA ASP C 217 10.22 -9.27 -6.86
C ASP C 217 10.02 -8.90 -8.33
N HIS C 218 10.14 -7.61 -8.63
CA HIS C 218 9.81 -7.11 -9.96
C HIS C 218 10.84 -7.49 -11.03
N ARG C 219 12.02 -7.94 -10.61
CA ARG C 219 12.98 -8.55 -11.53
C ARG C 219 12.44 -9.85 -12.12
N ILE C 220 11.68 -10.60 -11.32
CA ILE C 220 11.13 -11.89 -11.72
C ILE C 220 9.73 -11.77 -12.33
N LEU C 221 8.88 -10.94 -11.72
CA LEU C 221 7.44 -10.94 -12.02
C LEU C 221 6.91 -9.56 -12.34
N ASP C 222 5.81 -9.53 -13.09
CA ASP C 222 5.07 -8.30 -13.36
C ASP C 222 3.61 -8.48 -12.93
N GLY C 223 2.80 -7.44 -13.13
CA GLY C 223 1.39 -7.46 -12.79
C GLY C 223 0.57 -8.56 -13.44
N LEU C 224 0.88 -8.86 -14.70
CA LEU C 224 0.17 -9.89 -15.45
C LEU C 224 0.22 -11.25 -14.76
N LEU C 225 1.43 -11.71 -14.41
CA LEU C 225 1.62 -12.99 -13.73
C LEU C 225 1.13 -12.98 -12.29
N ALA C 226 1.37 -11.86 -11.61
CA ALA C 226 0.90 -11.67 -10.24
C ALA C 226 -0.63 -11.69 -10.17
N GLY C 227 -1.27 -11.01 -11.13
CA GLY C 227 -2.71 -10.97 -11.24
C GLY C 227 -3.33 -12.32 -11.50
N LYS C 228 -2.72 -13.09 -12.41
CA LYS C 228 -3.19 -14.43 -12.75
C LYS C 228 -3.08 -15.39 -11.56
N PHE C 229 -2.04 -15.19 -10.75
CA PHE C 229 -1.80 -15.96 -9.54
C PHE C 229 -2.82 -15.63 -8.47
N LEU C 230 -3.07 -14.34 -8.28
CA LEU C 230 -4.03 -13.86 -7.30
C LEU C 230 -5.45 -14.30 -7.63
N GLN C 231 -5.77 -14.29 -8.92
CA GLN C 231 -7.05 -14.79 -9.39
C GLN C 231 -7.21 -16.28 -9.10
N ALA C 232 -6.13 -17.04 -9.28
CA ALA C 232 -6.14 -18.48 -9.00
C ALA C 232 -6.41 -18.78 -7.52
N ILE C 233 -5.81 -18.00 -6.62
CA ILE C 233 -6.07 -18.13 -5.18
C ILE C 233 -7.50 -17.73 -4.87
N LYS C 234 -7.94 -16.62 -5.48
CA LYS C 234 -9.31 -16.13 -5.31
CA LYS C 234 -9.32 -16.12 -5.32
C LYS C 234 -10.34 -17.21 -5.67
N ALA C 235 -10.19 -17.79 -6.86
CA ALA C 235 -11.07 -18.87 -7.33
C ALA C 235 -11.08 -20.09 -6.40
N ASN C 236 -9.90 -20.46 -5.88
CA ASN C 236 -9.78 -21.56 -4.92
C ASN C 236 -10.50 -21.31 -3.61
N VAL C 237 -10.48 -20.07 -3.13
CA VAL C 237 -11.13 -19.70 -1.87
C VAL C 237 -12.64 -19.65 -2.06
N GLU C 238 -13.08 -19.03 -3.16
CA GLU C 238 -14.49 -18.81 -3.44
C GLU C 238 -15.26 -20.08 -3.81
N LYS C 239 -14.54 -21.13 -4.19
CA LYS C 239 -15.16 -22.43 -4.49
C LYS C 239 -15.40 -23.30 -3.25
N ILE C 240 -14.88 -22.87 -2.10
CA ILE C 240 -15.03 -23.61 -0.84
C ILE C 240 -16.47 -23.63 -0.34
N SER C 241 -17.03 -24.83 -0.24
CA SER C 241 -18.36 -25.07 0.32
C SER C 241 -18.35 -26.43 1.03
N LYS C 242 -19.52 -26.90 1.45
CA LYS C 242 -19.66 -28.20 2.12
C LYS C 242 -19.46 -29.38 1.17
N GLU C 243 -19.80 -29.18 -0.11
CA GLU C 243 -19.81 -30.23 -1.10
C GLU C 243 -18.48 -30.37 -1.85
N ASN C 244 -17.77 -29.25 -1.98
CA ASN C 244 -16.61 -29.17 -2.86
C ASN C 244 -15.25 -29.39 -2.19
N THR C 245 -15.19 -29.17 -0.88
CA THR C 245 -13.92 -29.20 -0.14
C THR C 245 -13.84 -30.34 0.87
N ALA C 246 -12.78 -31.16 0.75
CA ALA C 246 -12.52 -32.24 1.68
C ALA C 246 -11.36 -31.89 2.62
N LEU C 247 -11.56 -32.12 3.91
CA LEU C 247 -10.53 -31.83 4.93
C LEU C 247 -9.40 -32.86 4.95
N TYR C 248 -9.68 -34.05 4.41
CA TYR C 248 -8.72 -35.14 4.31
C TYR C 248 -8.96 -35.98 3.05
#